data_8JUL
#
_entry.id   8JUL
#
_cell.length_a   1.00
_cell.length_b   1.00
_cell.length_c   1.00
_cell.angle_alpha   90.00
_cell.angle_beta   90.00
_cell.angle_gamma   90.00
#
_symmetry.space_group_name_H-M   'P 1'
#
loop_
_entity.id
_entity.type
_entity.pdbx_description
1 polymer 'SID1 transmembrane family member 1'
2 non-polymer 'ZINC ION'
3 non-polymer 1,2-DILAUROYL-SN-GLYCERO-3-PHOSPHATE
4 water water
#
_entity_poly.entity_id   1
_entity_poly.type   'polypeptide(L)'
_entity_poly.pdbx_seq_one_letter_code
;MRGCLRLALLCALPWLLLAASPGHPAKSPRQPPAPRRDPFDAARGADFDHVYSGVVNLSTENIYSFNYTSQPDQVTAVRV
YVNSSSENLNYPVLVVVRQQKEVLSWQVPLLFQGLYQRSYNYQEVSRTLCPSEATNETGPLQQLIFVDVASMAPLGAQYK
LLVTKLKHFQLRTNVAFHFTASPSQPQYFLYKFPKDVDSVIIKVVSEMAYPCSVVSVQNIMCPVYDLDHNVEFNGVYQSM
TKKAAITLQKKDFPGEQFFVVFVIKPEDYACGGSFFIQEKENQTWNLQRKKNLEVTIVPSIKESVYVKSSLFSVFIFLSF
YLGCLLVGFVHYLRFQRKSIDGSFGSNDGSGNMVASHPIAASTPEGSNYGTIDESSSSPGRQMSSSDGGPPGQSDTDSSV
EESDFDTMPDIESDKNIIRTKMFLYLSDLSRKDRRIVSKKYKIYFWNIITIAVFYALPVIQLVITYQTVVNVTGNQDICY
YNFLCAHPLGVLSAFNNILSNLGHVLLGFLFLLIVLRRDILHRRALEAKDIFAVEYGIPKHFGLFYAMGIALMMEGVLSA
CYHVCPNYSNFQFDTSFMYMIAGLCMLKLYQTRHPDINASAYSAYASFAVVIMVTVLGVVFGKNDVWFWVIFSAIHVLAS
LALSTQIYYMGRFKIDLGIFRRAAMVFYTDCIQQCSRPLYMDRMVLLVVGNLVNWSFALFGLIYRPRDFASYMLGIFICN
LLLYLAFYIIMKLRSSEKVLPVPLFCIVATAVMWAAALYFFFQNLSSWEGTPAESREKNRECILLDFFDDHDIWHFLSAT
ALFFSFLVLLTLDDDLDVVRRDQIPVF
;
_entity_poly.pdbx_strand_id   A,B
#
loop_
_chem_comp.id
_chem_comp.type
_chem_comp.name
_chem_comp.formula
PX2 non-polymer 1,2-DILAUROYL-SN-GLYCERO-3-PHOSPHATE 'C27 H52 O8 P -1'
ZN non-polymer 'ZINC ION' 'Zn 2'
#
# COMPACT_ATOMS: atom_id res chain seq x y z
N ALA A 43 42.36 10.03 32.57
CA ALA A 43 41.17 10.85 32.36
C ALA A 43 41.48 12.33 32.52
N ARG A 44 41.84 12.98 31.42
CA ARG A 44 42.18 14.39 31.45
C ARG A 44 40.97 15.23 31.81
N GLY A 45 41.15 16.16 32.75
CA GLY A 45 40.09 17.06 33.11
C GLY A 45 40.20 17.93 31.88
N ALA A 46 39.19 17.88 31.03
CA ALA A 46 39.28 18.49 29.72
C ALA A 46 38.17 19.54 29.84
N ASP A 47 38.28 20.59 29.04
CA ASP A 47 37.31 21.66 28.97
C ASP A 47 36.71 21.74 27.57
N PHE A 48 35.55 22.36 27.49
CA PHE A 48 34.83 22.43 26.23
C PHE A 48 35.50 23.41 25.27
N ASP A 49 35.08 23.33 24.01
CA ASP A 49 35.47 24.28 22.96
C ASP A 49 36.96 24.28 22.69
N HIS A 50 37.69 23.26 23.14
CA HIS A 50 39.13 23.17 22.94
C HIS A 50 39.43 21.89 22.18
N VAL A 51 40.30 21.97 21.18
CA VAL A 51 40.65 20.84 20.35
C VAL A 51 41.79 20.08 20.99
N TYR A 52 41.68 18.75 21.01
CA TYR A 52 42.70 17.86 21.52
C TYR A 52 43.15 16.91 20.42
N SER A 53 44.42 16.97 20.05
CA SER A 53 44.97 16.02 19.11
C SER A 53 45.57 14.86 19.90
N GLY A 54 45.68 13.71 19.25
CA GLY A 54 46.18 12.55 19.95
C GLY A 54 46.54 11.41 19.03
N VAL A 55 47.27 10.45 19.59
CA VAL A 55 47.65 9.22 18.91
C VAL A 55 47.29 8.06 19.83
N VAL A 56 46.62 7.05 19.26
CA VAL A 56 46.26 5.84 20.00
C VAL A 56 46.78 4.62 19.26
N ASN A 57 47.29 3.66 20.02
CA ASN A 57 47.68 2.37 19.47
C ASN A 57 47.08 1.26 20.32
N LEU A 58 47.55 0.03 20.11
CA LEU A 58 46.96 -1.14 20.74
C LEU A 58 46.96 -1.07 22.27
N SER A 59 47.70 -0.15 22.88
CA SER A 59 47.79 -0.12 24.34
C SER A 59 47.78 1.29 24.91
N THR A 60 47.05 2.22 24.30
CA THR A 60 47.07 3.60 24.76
C THR A 60 45.77 4.04 25.43
N GLU A 61 44.63 3.97 24.75
CA GLU A 61 43.32 4.19 25.37
C GLU A 61 43.25 5.57 26.04
N ASN A 62 43.26 6.61 25.21
CA ASN A 62 43.15 7.96 25.75
C ASN A 62 41.75 8.18 26.32
N ILE A 63 41.68 8.91 27.42
CA ILE A 63 40.41 9.15 28.11
C ILE A 63 40.33 10.61 28.51
N TYR A 64 39.26 11.28 28.09
CA TYR A 64 38.99 12.67 28.44
C TYR A 64 37.72 12.71 29.29
N SER A 65 37.68 13.65 30.23
CA SER A 65 36.55 13.82 31.12
C SER A 65 36.10 15.26 31.05
N PHE A 66 34.85 15.48 30.66
CA PHE A 66 34.28 16.80 30.52
C PHE A 66 33.20 16.96 31.58
N ASN A 67 33.39 17.93 32.46
CA ASN A 67 32.44 18.21 33.52
C ASN A 67 31.72 19.51 33.19
N TYR A 68 30.40 19.51 33.33
CA TYR A 68 29.64 20.74 33.11
C TYR A 68 28.41 20.71 34.01
N THR A 69 27.63 21.78 33.93
CA THR A 69 26.41 21.89 34.70
C THR A 69 25.28 22.36 33.80
N SER A 70 24.05 22.15 34.25
CA SER A 70 22.87 22.54 33.49
C SER A 70 21.81 23.07 34.44
N GLN A 71 21.31 24.26 34.15
CA GLN A 71 20.31 24.95 34.94
C GLN A 71 18.91 24.50 34.52
N PRO A 72 17.90 24.73 35.37
CA PRO A 72 16.55 24.18 35.07
C PRO A 72 15.97 24.56 33.72
N ASP A 73 15.89 25.85 33.39
CA ASP A 73 15.15 26.24 32.20
C ASP A 73 15.89 25.91 30.91
N GLN A 74 17.20 26.17 30.87
CA GLN A 74 17.94 26.08 29.62
C GLN A 74 18.24 24.62 29.26
N VAL A 75 18.61 24.41 28.00
CA VAL A 75 18.92 23.10 27.46
C VAL A 75 20.34 23.12 26.91
N THR A 76 21.17 22.19 27.40
CA THR A 76 22.60 22.25 27.13
C THR A 76 22.96 21.64 25.78
N ALA A 77 22.73 20.34 25.61
CA ALA A 77 22.99 19.63 24.36
C ALA A 77 24.46 19.72 23.95
N VAL A 78 25.30 19.03 24.72
CA VAL A 78 26.69 18.85 24.34
C VAL A 78 26.79 18.10 22.99
N ARG A 79 27.79 18.47 22.20
CA ARG A 79 28.05 17.84 20.92
C ARG A 79 29.53 17.53 20.79
N VAL A 80 29.85 16.41 20.15
CA VAL A 80 31.20 15.86 20.09
C VAL A 80 31.60 15.72 18.63
N TYR A 81 32.72 16.32 18.26
CA TYR A 81 33.33 16.19 16.94
C TYR A 81 34.60 15.38 17.09
N VAL A 82 34.82 14.42 16.19
CA VAL A 82 36.05 13.65 16.16
C VAL A 82 36.49 13.51 14.72
N ASN A 83 37.74 13.86 14.45
CA ASN A 83 38.33 13.71 13.14
C ASN A 83 39.42 12.65 13.19
N SER A 84 39.58 11.93 12.08
CA SER A 84 40.73 11.08 11.88
C SER A 84 41.37 11.46 10.55
N SER A 85 42.32 10.67 10.06
CA SER A 85 43.06 11.06 8.88
C SER A 85 42.96 10.08 7.72
N SER A 86 42.18 9.01 7.87
CA SER A 86 41.76 8.09 6.82
C SER A 86 42.87 7.18 6.29
N GLU A 87 44.12 7.37 6.68
CA GLU A 87 45.05 6.27 6.49
C GLU A 87 44.74 5.12 7.44
N ASN A 88 43.94 5.40 8.47
CA ASN A 88 43.25 4.39 9.24
C ASN A 88 42.07 3.95 8.40
N LEU A 89 42.15 2.76 7.80
CA LEU A 89 40.91 2.22 7.25
C LEU A 89 40.74 0.78 7.69
N ASN A 90 41.86 0.08 7.87
CA ASN A 90 41.85 -1.24 8.49
C ASN A 90 42.06 -1.19 10.00
N TYR A 91 42.34 0.00 10.54
CA TYR A 91 42.46 0.20 11.99
C TYR A 91 41.83 1.53 12.35
N PRO A 92 40.49 1.59 12.36
CA PRO A 92 39.80 2.85 12.62
C PRO A 92 40.10 3.40 14.00
N VAL A 93 39.62 4.62 14.26
CA VAL A 93 39.72 5.19 15.61
C VAL A 93 38.39 4.99 16.32
N LEU A 94 38.38 4.15 17.34
CA LEU A 94 37.15 3.77 18.03
C LEU A 94 36.85 4.76 19.14
N VAL A 95 35.72 5.47 19.03
CA VAL A 95 35.32 6.51 19.96
C VAL A 95 34.13 6.02 20.77
N VAL A 96 34.22 6.18 22.09
CA VAL A 96 33.19 5.76 23.03
C VAL A 96 32.86 6.94 23.94
N VAL A 97 31.63 7.40 23.91
CA VAL A 97 31.17 8.47 24.78
C VAL A 97 30.30 7.84 25.87
N ARG A 98 30.78 7.92 27.10
CA ARG A 98 30.06 7.37 28.24
C ARG A 98 29.41 8.51 29.01
N GLN A 99 28.14 8.34 29.34
CA GLN A 99 27.42 9.24 30.20
C GLN A 99 26.94 8.46 31.41
N GLN A 100 26.11 9.11 32.23
CA GLN A 100 25.58 8.41 33.39
C GLN A 100 24.66 7.28 32.98
N LYS A 101 23.97 7.40 31.85
CA LYS A 101 22.97 6.42 31.46
C LYS A 101 23.02 6.00 30.00
N GLU A 102 24.04 6.38 29.24
CA GLU A 102 24.09 6.08 27.83
C GLU A 102 25.53 5.79 27.42
N VAL A 103 25.69 4.93 26.41
CA VAL A 103 26.98 4.66 25.80
C VAL A 103 26.82 4.85 24.31
N LEU A 104 27.55 5.78 23.76
CA LEU A 104 27.49 6.09 22.34
C LEU A 104 28.82 5.71 21.73
N SER A 105 28.84 4.66 20.93
CA SER A 105 30.06 4.20 20.31
C SER A 105 30.00 4.43 18.81
N TRP A 106 31.15 4.71 18.23
CA TRP A 106 31.26 4.72 16.78
C TRP A 106 32.74 4.56 16.43
N GLN A 107 32.99 4.36 15.16
CA GLN A 107 34.34 4.22 14.64
C GLN A 107 34.61 5.38 13.71
N VAL A 108 35.86 5.84 13.67
CA VAL A 108 36.17 7.02 12.89
C VAL A 108 37.32 6.80 11.92
N PRO A 109 37.12 6.06 10.88
CA PRO A 109 36.47 6.63 9.69
C PRO A 109 35.07 6.08 9.78
N LEU A 110 34.06 6.70 9.18
CA LEU A 110 32.73 6.13 9.27
C LEU A 110 32.55 5.45 7.92
N LEU A 111 32.22 4.17 7.94
CA LEU A 111 32.05 3.38 6.72
C LEU A 111 30.58 3.25 6.36
N PHE A 112 30.31 3.29 5.06
CA PHE A 112 28.95 3.21 4.52
C PHE A 112 28.96 2.26 3.35
N GLN A 113 27.95 1.39 3.28
CA GLN A 113 27.82 0.42 2.21
C GLN A 113 26.76 0.89 1.23
N GLY A 114 27.19 1.29 0.03
CA GLY A 114 26.26 1.62 -1.02
C GLY A 114 25.79 0.36 -1.73
N LEU A 115 24.49 0.33 -2.07
CA LEU A 115 23.85 -0.92 -2.44
C LEU A 115 24.50 -1.57 -3.65
N TYR A 116 25.15 -0.79 -4.51
CA TYR A 116 25.83 -1.42 -5.63
C TYR A 116 27.25 -1.77 -5.24
N GLN A 117 27.41 -2.41 -4.08
CA GLN A 117 28.71 -2.87 -3.60
C GLN A 117 29.74 -1.75 -3.58
N ARG A 118 29.30 -0.57 -3.16
CA ARG A 118 30.20 0.57 -3.05
C ARG A 118 30.49 0.87 -1.58
N SER A 119 31.55 1.64 -1.36
CA SER A 119 32.02 1.91 -0.01
C SER A 119 32.39 3.38 0.12
N TYR A 120 31.90 4.02 1.17
CA TYR A 120 32.20 5.41 1.46
C TYR A 120 32.75 5.52 2.88
N ASN A 121 33.69 6.44 3.07
CA ASN A 121 34.22 6.68 4.39
C ASN A 121 34.27 8.17 4.68
N TYR A 122 34.01 8.53 5.92
CA TYR A 122 33.92 9.92 6.35
C TYR A 122 34.89 10.14 7.50
N GLN A 123 35.76 11.13 7.37
CA GLN A 123 36.77 11.38 8.39
C GLN A 123 36.23 12.15 9.57
N GLU A 124 35.38 13.13 9.32
CA GLU A 124 34.80 13.96 10.37
C GLU A 124 33.50 13.31 10.82
N VAL A 125 33.38 13.02 12.10
CA VAL A 125 32.17 12.42 12.64
C VAL A 125 31.75 13.23 13.85
N SER A 126 30.51 13.71 13.83
CA SER A 126 30.00 14.58 14.87
C SER A 126 28.66 14.06 15.34
N ARG A 127 28.41 14.17 16.65
CA ARG A 127 27.15 13.70 17.22
C ARG A 127 26.75 14.53 18.43
N THR A 128 25.45 14.76 18.54
CA THR A 128 24.87 15.46 19.68
C THR A 128 24.35 14.44 20.67
N LEU A 129 24.76 14.59 21.94
CA LEU A 129 24.35 13.67 22.98
C LEU A 129 22.95 14.04 23.46
N CYS A 130 22.19 13.03 23.87
CA CYS A 130 20.82 13.28 24.31
C CYS A 130 20.81 14.24 25.50
N PRO A 131 20.26 15.43 25.35
CA PRO A 131 20.22 16.35 26.48
C PRO A 131 19.21 15.92 27.52
N SER A 132 19.63 15.99 28.78
CA SER A 132 18.73 15.82 29.90
C SER A 132 18.78 17.10 30.71
N GLU A 133 17.65 17.80 30.78
CA GLU A 133 17.61 19.12 31.38
C GLU A 133 17.26 18.98 32.86
N ALA A 134 17.74 19.93 33.65
CA ALA A 134 17.32 20.00 35.04
C ALA A 134 15.84 20.35 35.10
N THR A 135 15.08 19.53 35.83
CA THR A 135 13.66 19.77 35.96
C THR A 135 13.39 21.14 36.58
N ASN A 136 12.35 21.81 36.09
CA ASN A 136 12.13 23.23 36.35
C ASN A 136 12.08 23.54 37.84
N GLU A 137 12.87 24.53 38.25
CA GLU A 137 12.78 25.13 39.57
C GLU A 137 12.98 24.10 40.67
N THR A 138 13.92 23.20 40.46
CA THR A 138 14.18 22.15 41.43
C THR A 138 15.64 22.08 41.84
N GLY A 139 16.57 22.36 40.93
CA GLY A 139 17.98 22.32 41.20
C GLY A 139 18.78 22.03 39.96
N PRO A 140 19.92 22.69 39.80
CA PRO A 140 20.79 22.40 38.66
C PRO A 140 21.37 21.01 38.76
N LEU A 141 21.80 20.50 37.61
CA LEU A 141 22.36 19.15 37.51
C LEU A 141 23.80 19.22 37.05
N GLN A 142 24.68 18.55 37.79
CA GLN A 142 26.09 18.48 37.44
C GLN A 142 26.32 17.21 36.64
N GLN A 143 26.73 17.36 35.38
CA GLN A 143 26.90 16.24 34.48
C GLN A 143 28.38 16.02 34.18
N LEU A 144 28.72 14.76 33.94
CA LEU A 144 30.08 14.34 33.67
C LEU A 144 30.06 13.38 32.48
N ILE A 145 30.90 13.66 31.49
CA ILE A 145 30.94 12.89 30.26
C ILE A 145 32.35 12.36 30.08
N PHE A 146 32.47 11.12 29.61
CA PHE A 146 33.77 10.52 29.35
C PHE A 146 33.88 10.22 27.87
N VAL A 147 35.04 10.51 27.29
CA VAL A 147 35.31 10.17 25.91
C VAL A 147 36.56 9.29 25.90
N ASP A 148 36.38 8.03 25.56
CA ASP A 148 37.46 7.08 25.41
C ASP A 148 37.80 6.97 23.92
N VAL A 149 39.06 7.13 23.58
CA VAL A 149 39.52 7.00 22.22
C VAL A 149 40.52 5.86 22.19
N ALA A 150 40.25 4.87 21.36
CA ALA A 150 41.07 3.67 21.28
C ALA A 150 41.33 3.30 19.83
N SER A 151 42.19 2.31 19.65
CA SER A 151 42.54 1.77 18.35
C SER A 151 43.41 0.56 18.56
N MET A 152 43.30 -0.41 17.66
CA MET A 152 44.12 -1.61 17.70
C MET A 152 45.04 -1.54 16.49
N ALA A 153 46.11 -0.78 16.62
CA ALA A 153 47.00 -0.60 15.48
C ALA A 153 48.43 -0.92 15.88
N PRO A 154 49.15 -1.67 15.05
CA PRO A 154 50.58 -1.90 15.33
C PRO A 154 51.37 -0.61 15.41
N LEU A 155 50.87 0.47 14.82
CA LEU A 155 51.51 1.77 14.88
C LEU A 155 50.51 2.75 15.48
N GLY A 156 50.79 4.05 15.37
CA GLY A 156 49.87 5.03 15.88
C GLY A 156 48.60 5.13 15.05
N ALA A 157 47.64 5.87 15.61
CA ALA A 157 46.44 6.29 14.91
C ALA A 157 46.12 7.71 15.36
N GLN A 158 46.12 8.64 14.42
CA GLN A 158 45.94 10.04 14.72
C GLN A 158 44.46 10.39 14.86
N TYR A 159 44.15 11.33 15.74
CA TYR A 159 42.78 11.79 15.90
C TYR A 159 42.78 13.20 16.45
N LYS A 160 41.65 13.87 16.26
CA LYS A 160 41.38 15.17 16.86
C LYS A 160 39.99 15.16 17.45
N LEU A 161 39.85 15.78 18.61
CA LEU A 161 38.62 15.72 19.40
C LEU A 161 38.23 17.11 19.85
N LEU A 162 37.01 17.51 19.54
CA LEU A 162 36.45 18.73 20.07
C LEU A 162 35.10 18.39 20.70
N VAL A 163 34.75 19.09 21.78
CA VAL A 163 33.50 18.84 22.48
C VAL A 163 32.95 20.19 22.91
N THR A 164 31.83 20.60 22.33
CA THR A 164 31.25 21.91 22.56
C THR A 164 29.86 21.79 23.13
N LYS A 165 29.27 22.93 23.47
CA LYS A 165 27.88 23.03 23.87
C LYS A 165 27.12 23.83 22.82
N LEU A 166 25.94 23.34 22.47
CA LEU A 166 25.15 23.93 21.39
C LEU A 166 24.46 25.18 21.92
N LYS A 167 24.85 26.34 21.38
CA LYS A 167 24.31 27.60 21.88
C LYS A 167 22.86 27.78 21.46
N HIS A 168 22.47 27.19 20.34
CA HIS A 168 21.13 27.33 19.77
C HIS A 168 20.49 25.98 19.56
N PHE A 169 20.49 25.14 20.60
CA PHE A 169 19.83 23.85 20.48
C PHE A 169 18.35 24.00 20.21
N GLN A 170 17.67 24.85 20.95
CA GLN A 170 16.24 25.00 20.88
C GLN A 170 15.84 25.94 19.76
N LEU A 171 14.80 25.57 19.02
CA LEU A 171 14.28 26.38 17.93
C LEU A 171 13.17 27.29 18.44
N ARG A 172 13.02 28.43 17.78
CA ARG A 172 11.99 29.39 18.15
C ARG A 172 10.80 29.29 17.20
N THR A 173 9.65 29.74 17.71
CA THR A 173 8.35 29.40 17.15
C THR A 173 8.06 30.06 15.80
N ASN A 174 8.86 31.03 15.38
CA ASN A 174 8.58 31.57 14.05
C ASN A 174 9.84 31.99 13.31
N VAL A 175 11.02 31.59 13.78
CA VAL A 175 12.27 32.10 13.25
C VAL A 175 12.92 31.04 12.38
N ALA A 176 13.56 31.49 11.31
CA ALA A 176 14.33 30.59 10.48
C ALA A 176 15.65 30.27 11.16
N PHE A 177 16.11 29.04 10.98
CA PHE A 177 17.35 28.59 11.57
C PHE A 177 18.18 27.86 10.52
N HIS A 178 19.41 28.31 10.32
CA HIS A 178 20.28 27.76 9.29
C HIS A 178 21.35 26.88 9.91
N PHE A 179 21.65 25.77 9.26
CA PHE A 179 22.66 24.84 9.76
C PHE A 179 23.10 23.95 8.61
N THR A 180 24.04 23.05 8.90
CA THR A 180 24.52 22.08 7.93
C THR A 180 24.52 20.72 8.57
N ALA A 181 24.42 19.69 7.74
CA ALA A 181 24.55 18.32 8.20
C ALA A 181 25.30 17.53 7.16
N SER A 182 25.65 16.29 7.52
CA SER A 182 26.44 15.43 6.65
C SER A 182 26.05 14.00 6.99
N PRO A 183 26.33 13.05 6.09
CA PRO A 183 26.06 11.64 6.41
C PRO A 183 26.69 11.18 7.71
N SER A 184 27.83 11.73 8.09
CA SER A 184 28.50 11.35 9.31
C SER A 184 28.26 12.30 10.46
N GLN A 185 27.64 13.45 10.21
CA GLN A 185 27.37 14.46 11.23
C GLN A 185 25.88 14.77 11.26
N PRO A 186 25.05 13.83 11.68
CA PRO A 186 23.62 14.08 11.73
C PRO A 186 23.33 15.13 12.78
N GLN A 187 22.14 15.71 12.75
CA GLN A 187 21.95 16.83 13.66
C GLN A 187 20.48 17.06 13.96
N TYR A 188 20.15 17.19 15.23
CA TYR A 188 18.77 17.38 15.65
C TYR A 188 18.67 18.54 16.64
N PHE A 189 17.46 19.08 16.73
CA PHE A 189 17.17 20.23 17.58
C PHE A 189 15.86 20.01 18.31
N LEU A 190 15.62 20.83 19.32
CA LEU A 190 14.46 20.69 20.19
C LEU A 190 13.48 21.83 19.98
N TYR A 191 12.20 21.51 19.86
CA TYR A 191 11.15 22.51 19.79
C TYR A 191 10.16 22.31 20.91
N LYS A 192 9.84 23.38 21.62
CA LYS A 192 8.87 23.38 22.71
C LYS A 192 7.62 24.13 22.25
N PHE A 193 6.48 23.46 22.32
CA PHE A 193 5.24 24.09 21.90
C PHE A 193 4.89 25.26 22.80
N PRO A 194 4.39 26.35 22.26
CA PRO A 194 3.82 27.40 23.11
C PRO A 194 2.49 26.95 23.67
N LYS A 195 1.90 27.73 24.56
CA LYS A 195 0.70 27.27 25.26
C LYS A 195 -0.59 27.53 24.50
N ASP A 196 -0.59 28.47 23.56
CA ASP A 196 -1.76 28.78 22.76
C ASP A 196 -1.58 28.37 21.30
N VAL A 197 -0.67 27.45 21.04
CA VAL A 197 -0.46 26.86 19.73
C VAL A 197 -0.72 25.37 19.85
N ASP A 198 -1.57 24.83 18.98
CA ASP A 198 -1.93 23.43 19.07
C ASP A 198 -1.58 22.67 17.80
N SER A 199 -0.86 23.29 16.88
CA SER A 199 -0.46 22.63 15.65
C SER A 199 0.64 23.45 15.02
N VAL A 200 1.62 22.79 14.42
CA VAL A 200 2.69 23.49 13.73
C VAL A 200 3.03 22.74 12.45
N ILE A 201 3.68 23.47 11.54
CA ILE A 201 4.28 22.90 10.35
C ILE A 201 5.77 23.15 10.45
N ILE A 202 6.55 22.07 10.44
CA ILE A 202 7.99 22.18 10.29
C ILE A 202 8.25 22.29 8.80
N LYS A 203 8.67 23.46 8.35
CA LYS A 203 9.05 23.69 6.97
C LYS A 203 10.56 23.71 6.91
N VAL A 204 11.14 22.70 6.27
CA VAL A 204 12.58 22.62 6.06
C VAL A 204 12.81 22.86 4.58
N VAL A 205 13.78 23.71 4.28
CA VAL A 205 14.10 24.05 2.89
C VAL A 205 15.61 23.99 2.71
N SER A 206 16.02 23.49 1.55
CA SER A 206 17.40 23.53 1.12
C SER A 206 17.44 23.99 -0.33
N GLU A 207 18.42 24.84 -0.65
CA GLU A 207 18.52 25.42 -1.98
C GLU A 207 19.15 24.49 -3.00
N MET A 208 19.48 23.26 -2.64
CA MET A 208 20.07 22.30 -3.55
C MET A 208 19.43 20.94 -3.35
N ALA A 209 19.24 20.24 -4.46
CA ALA A 209 18.46 18.99 -4.42
C ALA A 209 19.20 17.89 -3.68
N TYR A 210 20.49 17.72 -3.94
CA TYR A 210 21.20 16.66 -3.27
C TYR A 210 22.23 17.25 -2.31
N PRO A 211 22.60 16.52 -1.25
CA PRO A 211 22.29 15.14 -0.86
C PRO A 211 20.85 14.89 -0.46
N CYS A 212 20.38 13.66 -0.65
CA CYS A 212 19.04 13.28 -0.21
C CYS A 212 19.07 13.06 1.29
N SER A 213 18.05 13.57 1.96
CA SER A 213 18.05 13.71 3.41
C SER A 213 16.77 13.11 3.98
N VAL A 214 16.73 12.97 5.30
CA VAL A 214 15.54 12.54 6.03
C VAL A 214 15.30 13.51 7.17
N VAL A 215 14.06 13.97 7.29
CA VAL A 215 13.62 14.81 8.40
C VAL A 215 12.64 13.99 9.21
N SER A 216 13.01 13.62 10.42
CA SER A 216 12.13 12.86 11.29
C SER A 216 11.81 13.67 12.54
N VAL A 217 10.75 13.27 13.23
CA VAL A 217 10.29 13.96 14.43
C VAL A 217 10.18 12.92 15.53
N GLN A 218 11.21 12.82 16.35
CA GLN A 218 11.18 11.97 17.52
C GLN A 218 10.63 12.72 18.72
N ASN A 219 10.30 11.98 19.77
CA ASN A 219 9.96 12.58 21.05
C ASN A 219 11.21 12.71 21.91
N ILE A 220 11.08 13.40 23.03
CA ILE A 220 12.22 13.62 23.91
C ILE A 220 12.35 12.33 24.72
N MET A 221 13.27 11.43 24.50
CA MET A 221 13.30 10.21 25.27
C MET A 221 14.63 9.92 24.86
N CYS A 222 15.44 9.44 25.73
CA CYS A 222 16.79 9.40 25.37
C CYS A 222 17.37 8.83 24.18
N PRO A 223 17.14 7.59 23.88
CA PRO A 223 17.83 7.25 22.66
C PRO A 223 17.25 8.10 21.49
N VAL A 224 18.01 8.92 20.78
CA VAL A 224 17.48 9.62 19.63
C VAL A 224 17.98 8.76 18.57
N TYR A 225 17.15 8.49 17.61
CA TYR A 225 17.47 7.65 16.46
C TYR A 225 17.87 8.59 15.33
N ASP A 226 19.17 8.83 15.21
CA ASP A 226 19.71 9.79 14.26
C ASP A 226 20.72 9.14 13.34
N LEU A 227 20.52 7.87 13.02
CA LEU A 227 21.39 7.15 12.12
C LEU A 227 20.58 6.64 10.95
N ASP A 228 21.29 6.30 9.88
CA ASP A 228 20.61 5.86 8.66
C ASP A 228 19.68 4.70 8.92
N HIS A 229 20.03 3.83 9.86
CA HIS A 229 19.25 2.65 10.18
C HIS A 229 18.34 2.85 11.38
N ASN A 230 18.08 4.08 11.78
CA ASN A 230 17.32 4.38 12.98
C ASN A 230 16.18 5.35 12.77
N VAL A 231 16.31 6.29 11.84
CA VAL A 231 15.39 7.41 11.77
C VAL A 231 13.98 6.96 11.40
N GLU A 232 13.87 5.90 10.62
CA GLU A 232 12.57 5.47 10.11
C GLU A 232 11.86 4.54 11.07
N PHE A 233 12.25 4.53 12.34
CA PHE A 233 11.76 3.54 13.27
C PHE A 233 10.65 4.09 14.17
N ASN A 234 10.86 5.26 14.77
CA ASN A 234 10.02 5.67 15.89
C ASN A 234 9.61 7.14 15.79
N GLY A 235 9.08 7.56 14.65
CA GLY A 235 8.49 8.87 14.57
C GLY A 235 7.70 9.03 13.30
N VAL A 236 7.47 10.29 12.91
CA VAL A 236 7.05 10.63 11.56
C VAL A 236 8.27 11.14 10.83
N TYR A 237 8.44 10.74 9.58
CA TYR A 237 9.62 11.12 8.83
C TYR A 237 9.24 11.40 7.39
N GLN A 238 10.07 12.19 6.73
CA GLN A 238 9.87 12.58 5.35
C GLN A 238 11.22 12.59 4.68
N SER A 239 11.31 11.97 3.52
CA SER A 239 12.49 12.13 2.70
C SER A 239 12.48 13.52 2.07
N MET A 240 13.66 14.02 1.73
CA MET A 240 13.75 15.41 1.36
C MET A 240 14.94 15.66 0.44
N THR A 241 14.70 16.28 -0.70
CA THR A 241 15.77 16.82 -1.54
C THR A 241 15.90 18.32 -1.37
N LYS A 242 14.84 19.07 -1.63
CA LYS A 242 14.82 20.51 -1.53
C LYS A 242 13.84 21.05 -0.53
N LYS A 243 12.80 20.31 -0.19
CA LYS A 243 11.70 20.83 0.60
C LYS A 243 11.07 19.70 1.40
N ALA A 244 10.61 20.02 2.60
CA ALA A 244 9.84 19.09 3.40
C ALA A 244 8.98 19.89 4.36
N ALA A 245 7.82 19.34 4.71
CA ALA A 245 6.90 20.01 5.60
C ALA A 245 6.11 18.98 6.38
N ILE A 246 6.28 18.97 7.69
CA ILE A 246 5.65 17.98 8.57
C ILE A 246 4.68 18.70 9.48
N THR A 247 3.43 18.24 9.51
CA THR A 247 2.38 18.87 10.30
C THR A 247 2.20 18.10 11.61
N LEU A 248 2.55 18.73 12.73
CA LEU A 248 2.51 18.11 14.03
C LEU A 248 1.37 18.69 14.84
N GLN A 249 0.64 17.83 15.53
CA GLN A 249 -0.35 18.29 16.50
C GLN A 249 0.29 18.36 17.88
N LYS A 250 -0.31 19.16 18.76
CA LYS A 250 0.23 19.31 20.11
C LYS A 250 -0.12 18.12 20.97
N LYS A 251 -1.28 17.50 20.76
CA LYS A 251 -1.75 16.42 21.60
C LYS A 251 -1.07 15.10 21.29
N ASP A 252 -0.21 15.05 20.29
CA ASP A 252 0.51 13.83 19.94
C ASP A 252 1.86 13.73 20.61
N PHE A 253 2.19 14.68 21.49
CA PHE A 253 3.52 14.73 22.11
C PHE A 253 3.36 14.96 23.60
N PRO A 254 3.59 13.94 24.43
CA PRO A 254 3.55 14.14 25.88
C PRO A 254 4.68 15.06 26.31
N GLY A 255 4.34 16.06 27.10
CA GLY A 255 5.28 17.11 27.44
C GLY A 255 5.35 18.23 26.45
N GLU A 256 4.59 18.14 25.35
CA GLU A 256 4.43 19.21 24.36
C GLU A 256 5.77 19.76 23.87
N GLN A 257 6.68 18.85 23.52
CA GLN A 257 7.90 19.23 22.83
C GLN A 257 8.43 18.02 22.08
N PHE A 258 9.27 18.29 21.08
CA PHE A 258 9.76 17.20 20.26
C PHE A 258 11.16 17.51 19.75
N PHE A 259 11.80 16.49 19.21
CA PHE A 259 13.09 16.59 18.54
C PHE A 259 12.86 16.47 17.05
N VAL A 260 13.43 17.40 16.29
CA VAL A 260 13.43 17.32 14.83
C VAL A 260 14.84 16.97 14.40
N VAL A 261 14.96 15.90 13.62
CA VAL A 261 16.23 15.22 13.36
C VAL A 261 16.50 15.22 11.87
N PHE A 262 17.69 15.66 11.49
CA PHE A 262 18.10 15.73 10.10
C PHE A 262 19.23 14.75 9.89
N VAL A 263 19.03 13.81 8.98
CA VAL A 263 19.95 12.71 8.74
C VAL A 263 20.20 12.65 7.25
N ILE A 264 21.43 12.88 6.84
CA ILE A 264 21.78 12.92 5.43
C ILE A 264 22.16 11.51 4.98
N LYS A 265 21.51 11.04 3.92
CA LYS A 265 21.76 9.69 3.45
C LYS A 265 23.11 9.63 2.76
N PRO A 266 23.73 8.44 2.70
CA PRO A 266 25.00 8.31 1.98
C PRO A 266 24.87 8.27 0.48
N GLU A 267 23.69 7.93 -0.06
CA GLU A 267 23.47 7.93 -1.50
C GLU A 267 22.08 8.44 -1.78
N ASP A 268 21.85 8.83 -3.03
CA ASP A 268 20.59 9.45 -3.42
C ASP A 268 19.83 8.48 -4.32
N TYR A 269 19.22 7.49 -3.69
CA TYR A 269 18.46 6.50 -4.43
C TYR A 269 16.99 6.53 -4.10
N ALA A 270 16.64 6.73 -2.84
CA ALA A 270 15.27 7.09 -2.50
C ALA A 270 14.92 8.40 -3.17
N CYS A 271 15.93 9.22 -3.44
CA CYS A 271 15.78 10.47 -4.17
C CYS A 271 16.42 9.82 -5.39
N GLY A 272 16.25 10.48 -6.50
CA GLY A 272 16.85 9.95 -7.69
C GLY A 272 18.11 9.78 -8.48
N GLY A 273 19.27 10.29 -8.03
CA GLY A 273 20.31 10.45 -9.03
C GLY A 273 21.43 9.50 -8.64
N SER A 274 21.29 8.88 -7.48
CA SER A 274 21.99 7.63 -7.16
C SER A 274 23.39 7.94 -6.62
N PHE A 275 23.87 9.17 -6.79
CA PHE A 275 25.01 9.69 -6.05
C PHE A 275 25.11 11.13 -6.53
N PHE A 276 25.60 12.02 -5.69
CA PHE A 276 25.84 13.40 -6.08
C PHE A 276 26.81 13.94 -5.03
N ILE A 277 28.00 14.35 -5.48
CA ILE A 277 28.86 15.14 -4.63
C ILE A 277 29.52 16.25 -5.45
N GLN A 278 29.02 17.46 -5.26
CA GLN A 278 29.73 18.68 -5.63
C GLN A 278 30.39 19.33 -4.43
N GLU A 279 29.88 19.09 -3.22
CA GLU A 279 30.45 19.66 -2.01
C GLU A 279 31.94 19.36 -1.89
N LYS A 280 32.35 18.12 -2.15
CA LYS A 280 33.75 17.73 -2.08
C LYS A 280 34.14 16.94 -3.31
N GLU A 281 34.92 17.57 -4.19
CA GLU A 281 35.25 16.97 -5.48
C GLU A 281 36.01 15.66 -5.31
N ASN A 282 37.05 15.67 -4.49
CA ASN A 282 37.79 14.45 -4.18
C ASN A 282 37.17 13.79 -2.96
N GLN A 283 36.42 12.71 -3.20
CA GLN A 283 35.57 12.16 -2.14
C GLN A 283 36.32 11.18 -1.26
N THR A 284 37.13 10.27 -1.83
CA THR A 284 37.93 9.40 -0.98
C THR A 284 38.91 10.19 -0.12
N TRP A 285 39.33 11.37 -0.59
CA TRP A 285 40.20 12.23 0.21
C TRP A 285 39.45 12.78 1.42
N ASN A 286 38.41 13.55 1.17
CA ASN A 286 37.59 14.14 2.24
C ASN A 286 36.17 14.25 1.71
N LEU A 287 35.36 13.22 2.00
CA LEU A 287 33.98 13.15 1.53
C LEU A 287 33.12 13.89 2.53
N GLN A 288 32.44 14.93 2.08
CA GLN A 288 31.53 15.70 2.93
C GLN A 288 30.30 16.02 2.11
N ARG A 289 29.30 15.15 2.13
CA ARG A 289 28.03 15.46 1.49
C ARG A 289 27.32 16.44 2.40
N LYS A 290 27.75 17.69 2.35
CA LYS A 290 27.30 18.71 3.28
C LYS A 290 26.01 19.32 2.77
N LYS A 291 24.91 19.04 3.46
CA LYS A 291 23.61 19.59 3.10
C LYS A 291 23.32 20.80 3.98
N ASN A 292 23.07 21.95 3.33
CA ASN A 292 22.71 23.18 4.02
C ASN A 292 21.21 23.25 4.17
N LEU A 293 20.74 23.48 5.38
CA LEU A 293 19.33 23.42 5.67
C LEU A 293 18.90 24.69 6.39
N GLU A 294 17.65 25.08 6.16
CA GLU A 294 17.00 26.10 6.96
C GLU A 294 15.66 25.55 7.41
N VAL A 295 15.41 25.56 8.72
CA VAL A 295 14.19 25.05 9.29
C VAL A 295 13.42 26.20 9.93
N THR A 296 12.12 26.25 9.67
CA THR A 296 11.22 27.20 10.30
C THR A 296 10.02 26.43 10.80
N ILE A 297 9.65 26.63 12.05
CA ILE A 297 8.52 25.92 12.63
C ILE A 297 7.39 26.92 12.73
N VAL A 298 6.52 26.94 11.73
CA VAL A 298 5.45 27.92 11.62
C VAL A 298 4.23 27.42 12.37
N PRO A 299 3.48 28.27 13.06
CA PRO A 299 2.19 27.82 13.60
C PRO A 299 1.24 27.44 12.49
N SER A 300 0.04 26.97 12.82
CA SER A 300 -0.91 26.57 11.79
C SER A 300 -2.07 27.55 11.76
N ILE A 301 -3.03 27.25 10.90
CA ILE A 301 -4.21 28.08 10.74
C ILE A 301 -5.24 27.71 11.80
N LYS A 302 -5.92 28.72 12.33
CA LYS A 302 -6.94 28.49 13.34
C LYS A 302 -8.16 27.82 12.72
N GLU A 303 -9.11 27.43 13.58
CA GLU A 303 -10.31 26.76 13.10
C GLU A 303 -11.24 27.70 12.36
N SER A 304 -11.15 29.01 12.60
CA SER A 304 -11.96 29.96 11.85
C SER A 304 -11.67 29.85 10.36
N VAL A 305 -10.41 29.59 9.99
CA VAL A 305 -10.09 29.39 8.59
C VAL A 305 -10.82 28.18 8.04
N TYR A 306 -10.84 27.09 8.82
CA TYR A 306 -11.57 25.90 8.41
C TYR A 306 -13.02 26.25 8.12
N VAL A 307 -13.67 26.92 9.08
CA VAL A 307 -15.11 27.10 8.96
C VAL A 307 -15.44 28.07 7.84
N LYS A 308 -14.66 29.13 7.67
CA LYS A 308 -15.03 30.10 6.66
C LYS A 308 -14.65 29.63 5.26
N SER A 309 -13.64 28.80 5.11
CA SER A 309 -13.40 28.22 3.79
C SER A 309 -14.45 27.18 3.43
N SER A 310 -14.86 26.36 4.41
CA SER A 310 -15.95 25.43 4.15
C SER A 310 -17.22 26.16 3.74
N LEU A 311 -17.59 27.21 4.49
CA LEU A 311 -18.76 27.99 4.12
C LEU A 311 -18.60 28.63 2.76
N PHE A 312 -17.44 29.20 2.47
CA PHE A 312 -17.21 29.79 1.17
C PHE A 312 -17.53 28.81 0.06
N SER A 313 -16.96 27.61 0.13
CA SER A 313 -17.19 26.64 -0.92
C SER A 313 -18.67 26.27 -1.04
N VAL A 314 -19.28 25.84 0.07
CA VAL A 314 -20.65 25.34 -0.04
C VAL A 314 -21.59 26.44 -0.51
N PHE A 315 -21.37 27.68 -0.08
CA PHE A 315 -22.28 28.75 -0.48
C PHE A 315 -22.01 29.23 -1.89
N ILE A 316 -20.75 29.25 -2.33
CA ILE A 316 -20.48 29.67 -3.69
C ILE A 316 -21.00 28.64 -4.68
N PHE A 317 -21.27 27.41 -4.22
CA PHE A 317 -21.90 26.47 -5.15
C PHE A 317 -23.41 26.37 -4.99
N LEU A 318 -23.96 26.65 -3.80
CA LEU A 318 -25.42 26.77 -3.70
C LEU A 318 -25.94 28.07 -4.28
N SER A 319 -25.07 29.02 -4.59
CA SER A 319 -25.51 30.18 -5.35
C SER A 319 -26.01 29.79 -6.74
N PHE A 320 -25.46 28.73 -7.32
CA PHE A 320 -25.99 28.25 -8.60
C PHE A 320 -27.43 27.77 -8.45
N TYR A 321 -27.73 27.05 -7.38
CA TYR A 321 -29.11 26.68 -7.09
C TYR A 321 -29.98 27.92 -6.92
N LEU A 322 -29.57 28.82 -6.04
CA LEU A 322 -30.35 30.02 -5.78
C LEU A 322 -30.47 30.91 -6.99
N GLY A 323 -29.64 30.72 -8.01
CA GLY A 323 -29.76 31.52 -9.21
C GLY A 323 -30.62 30.87 -10.26
N CYS A 324 -30.38 29.58 -10.54
CA CYS A 324 -31.21 28.88 -11.50
C CYS A 324 -32.66 28.82 -11.04
N LEU A 325 -32.90 28.75 -9.73
CA LEU A 325 -34.27 28.81 -9.25
C LEU A 325 -34.96 30.09 -9.70
N LEU A 326 -34.28 31.23 -9.55
CA LEU A 326 -34.87 32.50 -9.96
C LEU A 326 -34.99 32.60 -11.47
N VAL A 327 -33.99 32.10 -12.21
CA VAL A 327 -34.06 32.11 -13.66
C VAL A 327 -35.27 31.32 -14.14
N GLY A 328 -35.50 30.15 -13.54
CA GLY A 328 -36.58 29.30 -14.00
C GLY A 328 -37.94 29.69 -13.49
N PHE A 329 -38.00 30.51 -12.44
CA PHE A 329 -39.28 30.84 -11.84
C PHE A 329 -39.70 32.30 -12.00
N VAL A 330 -38.76 33.21 -12.26
CA VAL A 330 -39.17 34.59 -12.49
C VAL A 330 -39.70 34.76 -13.91
N HIS A 331 -39.08 34.09 -14.88
CA HIS A 331 -39.60 34.11 -16.24
C HIS A 331 -40.70 33.08 -16.46
N TYR A 332 -40.95 32.21 -15.48
CA TYR A 332 -42.02 31.21 -15.54
C TYR A 332 -41.87 30.28 -16.75
N LYS A 442 -35.87 5.62 -16.15
CA LYS A 442 -35.36 4.82 -17.25
C LYS A 442 -34.64 3.58 -16.73
N ILE A 443 -34.36 2.64 -17.65
CA ILE A 443 -33.54 1.50 -17.30
C ILE A 443 -32.06 1.86 -17.38
N TYR A 444 -31.70 2.70 -18.35
CA TYR A 444 -30.31 3.11 -18.53
C TYR A 444 -29.79 3.82 -17.29
N PHE A 445 -30.61 4.68 -16.68
CA PHE A 445 -30.18 5.44 -15.53
C PHE A 445 -29.83 4.54 -14.36
N TRP A 446 -30.69 3.58 -14.06
CA TRP A 446 -30.44 2.71 -12.92
C TRP A 446 -29.32 1.72 -13.22
N ASN A 447 -29.14 1.34 -14.48
CA ASN A 447 -27.94 0.61 -14.85
C ASN A 447 -26.69 1.41 -14.47
N ILE A 448 -26.67 2.70 -14.83
CA ILE A 448 -25.48 3.50 -14.58
C ILE A 448 -25.27 3.70 -13.09
N ILE A 449 -26.33 3.87 -12.31
CA ILE A 449 -26.16 4.02 -10.87
C ILE A 449 -25.64 2.72 -10.24
N THR A 450 -26.17 1.58 -10.69
CA THR A 450 -25.67 0.30 -10.16
C THR A 450 -24.21 0.11 -10.49
N ILE A 451 -23.78 0.52 -11.68
CA ILE A 451 -22.38 0.47 -12.03
C ILE A 451 -21.56 1.40 -11.17
N ALA A 452 -22.08 2.61 -10.91
CA ALA A 452 -21.30 3.62 -10.22
C ALA A 452 -21.10 3.26 -8.75
N VAL A 453 -22.15 2.80 -8.09
CA VAL A 453 -22.03 2.49 -6.66
C VAL A 453 -21.00 1.39 -6.43
N PHE A 454 -21.04 0.35 -7.24
CA PHE A 454 -20.18 -0.80 -7.05
C PHE A 454 -18.83 -0.64 -7.73
N TYR A 455 -18.63 0.43 -8.48
CA TYR A 455 -17.27 0.82 -8.81
C TYR A 455 -16.67 1.70 -7.73
N ALA A 456 -17.48 2.52 -7.07
CA ALA A 456 -16.98 3.46 -6.07
C ALA A 456 -16.68 2.79 -4.74
N LEU A 457 -17.43 1.77 -4.35
CA LEU A 457 -17.25 1.19 -3.02
C LEU A 457 -15.85 0.63 -2.77
N PRO A 458 -15.31 -0.27 -3.60
CA PRO A 458 -13.97 -0.78 -3.31
C PRO A 458 -12.90 0.28 -3.32
N VAL A 459 -13.07 1.35 -4.09
CA VAL A 459 -12.07 2.41 -4.09
C VAL A 459 -12.13 3.20 -2.78
N ILE A 460 -13.32 3.43 -2.26
CA ILE A 460 -13.43 4.07 -0.97
C ILE A 460 -12.74 3.23 0.09
N GLN A 461 -12.99 1.92 0.08
CA GLN A 461 -12.33 1.06 1.06
C GLN A 461 -10.82 1.09 0.89
N LEU A 462 -10.34 1.06 -0.35
CA LEU A 462 -8.91 1.09 -0.61
C LEU A 462 -8.26 2.33 -0.02
N VAL A 463 -8.83 3.51 -0.30
CA VAL A 463 -8.15 4.72 0.14
C VAL A 463 -8.32 4.93 1.64
N ILE A 464 -9.41 4.42 2.22
CA ILE A 464 -9.54 4.43 3.67
C ILE A 464 -8.39 3.65 4.30
N THR A 465 -8.10 2.47 3.73
CA THR A 465 -6.98 1.67 4.24
C THR A 465 -5.65 2.39 4.06
N TYR A 466 -5.42 3.01 2.90
CA TYR A 466 -4.19 3.78 2.69
C TYR A 466 -4.03 4.86 3.74
N GLN A 467 -5.10 5.62 4.00
CA GLN A 467 -5.03 6.69 4.97
C GLN A 467 -4.72 6.17 6.36
N THR A 468 -5.37 5.06 6.76
CA THR A 468 -5.09 4.48 8.06
C THR A 468 -3.63 4.05 8.18
N VAL A 469 -3.11 3.41 7.13
CA VAL A 469 -1.71 2.98 7.14
C VAL A 469 -0.79 4.17 7.32
N VAL A 470 -1.05 5.25 6.59
CA VAL A 470 -0.18 6.43 6.72
C VAL A 470 -0.29 7.04 8.10
N ASN A 471 -1.46 6.92 8.74
CA ASN A 471 -1.61 7.46 10.08
C ASN A 471 -0.81 6.67 11.10
N VAL A 472 -0.99 5.35 11.14
CA VAL A 472 -0.33 4.57 12.19
C VAL A 472 1.18 4.52 11.97
N THR A 473 1.61 4.40 10.72
CA THR A 473 3.02 4.43 10.40
C THR A 473 3.49 5.87 10.32
N GLY A 474 4.75 6.10 10.65
CA GLY A 474 5.21 7.46 10.44
C GLY A 474 5.61 7.78 9.04
N ASN A 475 5.48 6.84 8.12
CA ASN A 475 5.94 7.01 6.75
C ASN A 475 5.03 8.00 6.06
N GLN A 476 5.58 9.17 5.73
CA GLN A 476 4.87 10.18 4.95
C GLN A 476 5.39 10.25 3.53
N ASP A 477 5.85 9.12 3.01
CA ASP A 477 6.23 8.98 1.62
C ASP A 477 5.25 8.08 0.87
N ILE A 478 4.12 7.76 1.49
CA ILE A 478 3.10 6.93 0.85
C ILE A 478 2.12 7.79 0.06
N CYS A 479 1.65 8.88 0.65
CA CYS A 479 0.73 9.79 -0.01
C CYS A 479 1.49 10.96 -0.58
N TYR A 480 1.14 11.36 -1.81
CA TYR A 480 1.78 12.48 -2.47
C TYR A 480 0.91 13.73 -2.35
N TYR A 481 0.91 14.30 -1.16
CA TYR A 481 0.12 15.49 -0.88
C TYR A 481 0.86 16.73 -1.35
N ASN A 482 0.18 17.86 -1.22
CA ASN A 482 0.80 19.17 -1.22
C ASN A 482 1.03 19.49 0.24
N PHE A 483 2.20 19.11 0.75
CA PHE A 483 2.42 19.16 2.18
C PHE A 483 2.45 20.58 2.73
N LEU A 484 2.48 21.59 1.87
CA LEU A 484 2.46 22.96 2.30
C LEU A 484 1.07 23.58 2.31
N CYS A 485 0.08 22.92 1.69
CA CYS A 485 -1.33 23.25 1.86
C CYS A 485 -2.06 21.93 2.04
N ALA A 486 -2.10 21.43 3.26
CA ALA A 486 -2.70 20.13 3.53
C ALA A 486 -3.17 20.17 4.97
N HIS A 487 -4.47 20.35 5.16
CA HIS A 487 -5.03 20.61 6.46
C HIS A 487 -5.82 19.41 6.94
N PRO A 488 -5.41 18.78 8.03
CA PRO A 488 -6.16 17.62 8.52
C PRO A 488 -7.40 18.07 9.28
N LEU A 489 -8.44 17.25 9.21
CA LEU A 489 -9.62 17.49 10.03
C LEU A 489 -9.82 16.40 11.06
N GLY A 490 -9.97 15.16 10.62
CA GLY A 490 -9.98 14.04 11.53
C GLY A 490 -8.79 13.17 11.22
N VAL A 491 -9.05 12.09 10.49
CA VAL A 491 -8.00 11.22 9.97
C VAL A 491 -7.59 11.63 8.57
N LEU A 492 -8.12 12.73 8.05
CA LEU A 492 -8.06 12.97 6.61
C LEU A 492 -6.67 13.35 6.15
N SER A 493 -5.99 14.22 6.89
CA SER A 493 -4.61 14.62 6.64
C SER A 493 -4.44 15.53 5.43
N ALA A 494 -5.48 15.65 4.62
CA ALA A 494 -5.56 16.74 3.64
C ALA A 494 -7.06 16.92 3.36
N PHE A 495 -7.67 17.83 4.09
CA PHE A 495 -9.11 18.02 4.02
C PHE A 495 -9.48 19.07 2.99
N ASN A 496 -8.57 19.98 2.67
CA ASN A 496 -8.89 21.04 1.72
C ASN A 496 -9.07 20.49 0.33
N ASN A 497 -8.19 19.61 -0.12
CA ASN A 497 -8.31 19.09 -1.48
C ASN A 497 -9.31 17.94 -1.59
N ILE A 498 -10.01 17.62 -0.51
CA ILE A 498 -11.22 16.80 -0.56
C ILE A 498 -12.46 17.67 -0.61
N LEU A 499 -12.56 18.63 0.31
CA LEU A 499 -13.62 19.62 0.23
C LEU A 499 -13.64 20.31 -1.12
N SER A 500 -12.48 20.42 -1.76
CA SER A 500 -12.41 21.09 -3.04
C SER A 500 -13.24 20.40 -4.09
N ASN A 501 -13.42 19.09 -3.98
CA ASN A 501 -14.25 18.37 -4.92
C ASN A 501 -15.72 18.51 -4.63
N LEU A 502 -16.12 19.46 -3.81
CA LEU A 502 -17.54 19.72 -3.62
C LEU A 502 -18.20 20.19 -4.90
N GLY A 503 -17.44 20.77 -5.81
CA GLY A 503 -17.97 21.28 -7.05
C GLY A 503 -18.75 20.24 -7.80
N HIS A 504 -18.05 19.23 -8.31
CA HIS A 504 -18.70 18.19 -9.10
C HIS A 504 -19.93 17.64 -8.40
N VAL A 505 -19.77 17.17 -7.16
CA VAL A 505 -20.86 16.50 -6.48
C VAL A 505 -22.08 17.41 -6.38
N LEU A 506 -21.88 18.71 -6.16
CA LEU A 506 -23.05 19.57 -6.05
C LEU A 506 -23.59 19.96 -7.42
N LEU A 507 -22.72 20.13 -8.39
CA LEU A 507 -23.10 20.81 -9.61
C LEU A 507 -23.52 19.85 -10.70
N GLY A 508 -22.94 18.66 -10.74
CA GLY A 508 -23.50 17.58 -11.53
C GLY A 508 -24.86 17.15 -11.05
N PHE A 509 -25.12 17.27 -9.76
CA PHE A 509 -26.45 16.96 -9.27
C PHE A 509 -27.45 18.07 -9.58
N LEU A 510 -27.03 19.33 -9.52
CA LEU A 510 -27.92 20.38 -10.03
C LEU A 510 -28.18 20.20 -11.51
N PHE A 511 -27.19 19.73 -12.26
CA PHE A 511 -27.42 19.45 -13.67
C PHE A 511 -28.39 18.28 -13.85
N LEU A 512 -28.31 17.28 -12.98
CA LEU A 512 -29.29 16.20 -13.03
C LEU A 512 -30.68 16.73 -12.79
N LEU A 513 -30.83 17.65 -11.83
CA LEU A 513 -32.14 18.24 -11.60
C LEU A 513 -32.63 18.99 -12.84
N ILE A 514 -31.75 19.73 -13.50
CA ILE A 514 -32.15 20.51 -14.67
C ILE A 514 -32.61 19.57 -15.79
N VAL A 515 -31.81 18.56 -16.10
CA VAL A 515 -32.16 17.62 -17.16
C VAL A 515 -33.45 16.89 -16.81
N LEU A 516 -33.63 16.55 -15.54
CA LEU A 516 -34.83 15.84 -15.12
C LEU A 516 -36.07 16.71 -15.26
N ARG A 517 -35.99 17.99 -14.90
CA ARG A 517 -37.13 18.86 -15.11
C ARG A 517 -37.46 18.98 -16.59
N ARG A 518 -36.45 19.25 -17.41
CA ARG A 518 -36.68 19.31 -18.84
C ARG A 518 -37.34 18.04 -19.34
N ASP A 519 -36.89 16.88 -18.82
CA ASP A 519 -37.35 15.60 -19.32
C ASP A 519 -38.79 15.34 -18.92
N ILE A 520 -39.16 15.62 -17.67
CA ILE A 520 -40.53 15.35 -17.28
C ILE A 520 -41.48 16.36 -17.90
N LEU A 521 -41.01 17.59 -18.16
CA LEU A 521 -41.86 18.52 -18.90
C LEU A 521 -42.07 18.05 -20.32
N HIS A 522 -41.04 17.46 -20.94
CA HIS A 522 -41.22 16.87 -22.26
C HIS A 522 -42.19 15.70 -22.22
N ARG A 523 -42.07 14.85 -21.20
CA ARG A 523 -43.02 13.74 -21.03
C ARG A 523 -44.45 14.26 -20.92
N ARG A 524 -44.64 15.31 -20.14
CA ARG A 524 -45.94 15.96 -20.06
C ARG A 524 -46.41 16.37 -21.45
N ALA A 525 -45.67 17.27 -22.09
CA ALA A 525 -46.06 17.80 -23.39
C ALA A 525 -46.17 16.73 -24.46
N LEU A 526 -45.69 15.52 -24.21
CA LEU A 526 -45.78 14.44 -25.18
C LEU A 526 -46.98 13.53 -24.96
N GLU A 527 -47.11 12.94 -23.77
CA GLU A 527 -48.25 12.06 -23.52
C GLU A 527 -49.54 12.84 -23.35
N ALA A 528 -49.47 14.15 -23.13
CA ALA A 528 -50.69 14.92 -22.97
C ALA A 528 -51.27 15.38 -24.30
N LYS A 529 -50.41 15.63 -25.29
CA LYS A 529 -50.85 16.15 -26.59
C LYS A 529 -51.69 17.41 -26.43
N LYS A 540 -34.29 14.47 -28.18
CA LYS A 540 -33.14 14.50 -27.30
C LYS A 540 -32.84 13.13 -26.72
N HIS A 541 -31.57 12.90 -26.37
CA HIS A 541 -31.16 11.63 -25.79
C HIS A 541 -30.92 11.80 -24.29
N PHE A 542 -32.00 12.13 -23.57
CA PHE A 542 -31.89 12.47 -22.16
C PHE A 542 -31.13 11.42 -21.35
N GLY A 543 -31.05 10.19 -21.83
CA GLY A 543 -30.19 9.22 -21.17
C GLY A 543 -28.74 9.63 -21.22
N LEU A 544 -28.32 10.25 -22.33
CA LEU A 544 -26.94 10.71 -22.42
C LEU A 544 -26.65 11.82 -21.42
N PHE A 545 -27.62 12.72 -21.20
CA PHE A 545 -27.40 13.79 -20.23
C PHE A 545 -27.45 13.27 -18.81
N TYR A 546 -28.28 12.27 -18.54
CA TYR A 546 -28.19 11.63 -17.24
C TYR A 546 -26.83 11.00 -17.02
N ALA A 547 -26.28 10.38 -18.06
CA ALA A 547 -24.94 9.83 -17.96
C ALA A 547 -23.93 10.92 -17.71
N MET A 548 -24.09 12.08 -18.35
CA MET A 548 -23.17 13.20 -18.15
C MET A 548 -23.19 13.66 -16.70
N GLY A 549 -24.37 13.82 -16.14
CA GLY A 549 -24.46 14.26 -14.75
C GLY A 549 -23.88 13.26 -13.79
N ILE A 550 -24.14 11.96 -14.02
CA ILE A 550 -23.59 10.95 -13.13
C ILE A 550 -22.08 10.87 -13.29
N ALA A 551 -21.56 11.10 -14.49
CA ALA A 551 -20.12 11.15 -14.68
C ALA A 551 -19.49 12.33 -13.96
N LEU A 552 -20.15 13.47 -13.93
CA LEU A 552 -19.62 14.58 -13.14
C LEU A 552 -19.63 14.25 -11.65
N MET A 553 -20.74 13.75 -11.14
CA MET A 553 -20.80 13.44 -9.72
C MET A 553 -19.78 12.36 -9.34
N MET A 554 -19.54 11.41 -10.23
CA MET A 554 -18.60 10.36 -9.90
C MET A 554 -17.15 10.79 -10.10
N GLU A 555 -16.89 11.74 -10.99
CA GLU A 555 -15.58 12.35 -11.00
C GLU A 555 -15.32 13.05 -9.68
N GLY A 556 -16.30 13.77 -9.16
CA GLY A 556 -16.14 14.38 -7.85
C GLY A 556 -15.86 13.36 -6.76
N VAL A 557 -16.67 12.29 -6.71
CA VAL A 557 -16.51 11.28 -5.67
C VAL A 557 -15.15 10.58 -5.79
N LEU A 558 -14.85 10.06 -6.97
CA LEU A 558 -13.61 9.29 -7.13
C LEU A 558 -12.39 10.19 -7.04
N SER A 559 -12.53 11.48 -7.32
CA SER A 559 -11.43 12.40 -7.14
C SER A 559 -11.17 12.68 -5.67
N ALA A 560 -12.23 12.80 -4.87
CA ALA A 560 -12.03 12.91 -3.43
C ALA A 560 -11.37 11.66 -2.89
N CYS A 561 -11.80 10.50 -3.36
CA CYS A 561 -11.16 9.26 -2.93
C CYS A 561 -9.69 9.23 -3.31
N TYR A 562 -9.34 9.70 -4.50
CA TYR A 562 -7.93 9.79 -4.85
C TYR A 562 -7.19 10.73 -3.92
N HIS A 563 -7.77 11.89 -3.66
CA HIS A 563 -7.13 12.91 -2.83
C HIS A 563 -7.18 12.58 -1.36
N VAL A 564 -7.69 11.41 -0.98
CA VAL A 564 -7.43 10.92 0.36
C VAL A 564 -5.97 10.52 0.51
N CYS A 565 -5.43 9.80 -0.47
CA CYS A 565 -4.01 9.45 -0.50
C CYS A 565 -3.59 9.24 -1.94
N PRO A 566 -2.94 10.22 -2.56
CA PRO A 566 -2.51 10.06 -3.96
C PRO A 566 -1.28 9.18 -4.08
N ASN A 567 -1.34 8.19 -4.97
CA ASN A 567 -0.27 7.24 -5.15
C ASN A 567 -0.05 6.98 -6.62
N TYR A 568 0.92 6.10 -6.91
CA TYR A 568 1.08 5.50 -8.21
C TYR A 568 0.20 4.29 -8.41
N SER A 569 -0.55 3.89 -7.38
CA SER A 569 -1.53 2.83 -7.51
C SER A 569 -2.95 3.32 -7.31
N ASN A 570 -3.13 4.58 -6.94
CA ASN A 570 -4.40 5.11 -6.49
C ASN A 570 -5.10 5.94 -7.54
N PHE A 571 -4.38 6.44 -8.52
CA PHE A 571 -5.01 7.08 -9.67
C PHE A 571 -5.54 5.96 -10.53
N GLN A 572 -5.99 6.23 -11.74
CA GLN A 572 -6.31 5.20 -12.72
C GLN A 572 -7.68 4.63 -12.42
N PHE A 573 -8.31 5.03 -11.30
CA PHE A 573 -9.63 4.50 -10.97
C PHE A 573 -10.73 5.41 -11.48
N ASP A 574 -10.61 6.71 -11.23
CA ASP A 574 -11.59 7.65 -11.76
C ASP A 574 -11.49 7.76 -13.27
N THR A 575 -10.28 7.71 -13.83
CA THR A 575 -10.18 7.76 -15.28
C THR A 575 -10.71 6.50 -15.93
N SER A 576 -10.58 5.35 -15.28
CA SER A 576 -11.19 4.15 -15.82
C SER A 576 -12.70 4.21 -15.76
N PHE A 577 -13.27 4.82 -14.72
CA PHE A 577 -14.71 4.98 -14.70
C PHE A 577 -15.18 5.90 -15.81
N MET A 578 -14.41 6.96 -16.10
CA MET A 578 -14.80 7.83 -17.20
C MET A 578 -14.74 7.09 -18.53
N TYR A 579 -13.74 6.23 -18.72
CA TYR A 579 -13.68 5.42 -19.93
C TYR A 579 -14.86 4.47 -20.01
N MET A 580 -15.24 3.87 -18.88
CA MET A 580 -16.38 2.96 -18.87
C MET A 580 -17.66 3.67 -19.25
N ILE A 581 -17.89 4.86 -18.68
CA ILE A 581 -19.10 5.59 -18.99
C ILE A 581 -19.09 6.06 -20.45
N ALA A 582 -17.93 6.47 -20.94
CA ALA A 582 -17.83 6.82 -22.35
C ALA A 582 -18.20 5.64 -23.23
N GLY A 583 -17.63 4.47 -22.99
CA GLY A 583 -17.94 3.29 -23.78
C GLY A 583 -19.40 2.89 -23.71
N LEU A 584 -20.01 2.97 -22.53
CA LEU A 584 -21.42 2.63 -22.42
C LEU A 584 -22.29 3.62 -23.19
N CYS A 585 -21.96 4.91 -23.11
CA CYS A 585 -22.73 5.90 -23.85
C CYS A 585 -22.58 5.69 -25.35
N MET A 586 -21.39 5.32 -25.82
CA MET A 586 -21.23 5.15 -27.25
C MET A 586 -21.90 3.87 -27.75
N LEU A 587 -21.97 2.84 -26.92
CA LEU A 587 -22.75 1.68 -27.31
C LEU A 587 -24.22 2.04 -27.46
N LYS A 588 -24.79 2.67 -26.42
CA LYS A 588 -26.19 3.06 -26.48
C LYS A 588 -26.48 4.11 -27.56
N LEU A 589 -25.48 4.89 -27.96
CA LEU A 589 -25.69 5.84 -29.04
C LEU A 589 -25.65 5.16 -30.39
N TYR A 590 -24.63 4.34 -30.63
CA TYR A 590 -24.48 3.71 -31.92
C TYR A 590 -25.58 2.71 -32.20
N GLN A 591 -26.21 2.14 -31.17
CA GLN A 591 -27.26 1.17 -31.46
C GLN A 591 -28.47 1.84 -32.09
N THR A 592 -28.71 3.11 -31.80
CA THR A 592 -29.83 3.84 -32.36
C THR A 592 -29.47 4.60 -33.63
N ARG A 593 -28.27 4.38 -34.17
CA ARG A 593 -27.84 5.02 -35.40
C ARG A 593 -26.95 4.08 -36.21
N ALA A 606 -16.32 -0.35 -34.30
CA ALA A 606 -15.04 -0.83 -33.80
C ALA A 606 -14.20 0.33 -33.26
N SER A 607 -14.53 1.54 -33.70
CA SER A 607 -13.82 2.72 -33.21
C SER A 607 -13.97 2.86 -31.70
N PHE A 608 -15.08 2.37 -31.15
CA PHE A 608 -15.23 2.31 -29.69
C PHE A 608 -14.17 1.40 -29.09
N ALA A 609 -14.00 0.20 -29.65
CA ALA A 609 -12.96 -0.70 -29.16
C ALA A 609 -11.58 -0.22 -29.56
N VAL A 610 -11.48 0.61 -30.60
CA VAL A 610 -10.19 1.14 -31.00
C VAL A 610 -9.56 1.97 -29.89
N VAL A 611 -10.38 2.80 -29.22
CA VAL A 611 -9.89 3.50 -28.04
C VAL A 611 -9.65 2.53 -26.89
N ILE A 612 -10.48 1.50 -26.76
CA ILE A 612 -10.30 0.53 -25.69
C ILE A 612 -8.99 -0.23 -25.85
N MET A 613 -8.61 -0.53 -27.09
CA MET A 613 -7.34 -1.20 -27.33
C MET A 613 -6.16 -0.26 -27.11
N VAL A 614 -6.34 1.04 -27.37
CA VAL A 614 -5.29 2.00 -27.08
C VAL A 614 -5.23 2.32 -25.59
N THR A 615 -6.40 2.58 -24.98
CA THR A 615 -6.44 2.87 -23.55
C THR A 615 -6.08 1.66 -22.69
N VAL A 616 -5.82 0.50 -23.30
CA VAL A 616 -5.37 -0.67 -22.57
C VAL A 616 -3.96 -1.12 -22.95
N LEU A 617 -3.51 -0.83 -24.17
CA LEU A 617 -2.17 -1.23 -24.59
C LEU A 617 -1.10 -0.40 -23.89
N GLY A 618 -1.15 0.91 -24.09
CA GLY A 618 -0.20 1.78 -23.42
C GLY A 618 -0.60 2.12 -22.00
N VAL A 619 -1.55 1.38 -21.43
CA VAL A 619 -1.88 1.53 -20.02
C VAL A 619 -0.62 1.42 -19.17
N VAL A 620 0.10 0.30 -19.33
CA VAL A 620 1.48 0.17 -18.84
C VAL A 620 2.30 -0.41 -19.99
N PHE A 621 2.71 0.46 -20.91
CA PHE A 621 3.65 0.09 -21.97
C PHE A 621 4.88 0.98 -21.99
N GLY A 622 4.69 2.29 -21.95
CA GLY A 622 5.80 3.24 -21.97
C GLY A 622 5.45 4.51 -21.20
N VAL A 626 12.49 5.01 -26.45
CA VAL A 626 12.04 6.39 -26.58
C VAL A 626 11.25 6.60 -27.87
N TRP A 627 11.94 6.47 -29.00
CA TRP A 627 11.30 6.69 -30.29
C TRP A 627 10.17 5.70 -30.54
N PHE A 628 10.37 4.44 -30.15
CA PHE A 628 9.30 3.45 -30.27
C PHE A 628 8.13 3.82 -29.37
N TRP A 629 8.41 4.51 -28.26
CA TRP A 629 7.33 5.02 -27.42
C TRP A 629 6.68 6.24 -28.04
N VAL A 630 7.41 6.99 -28.87
CA VAL A 630 6.85 8.17 -29.51
C VAL A 630 5.72 7.79 -30.46
N ILE A 631 5.99 6.86 -31.38
CA ILE A 631 4.94 6.39 -32.27
C ILE A 631 3.78 5.78 -31.50
N PHE A 632 4.03 5.36 -30.25
CA PHE A 632 2.93 4.88 -29.40
C PHE A 632 2.01 6.04 -29.04
N SER A 633 2.57 7.17 -28.65
CA SER A 633 1.74 8.33 -28.32
C SER A 633 1.15 8.97 -29.57
N ALA A 634 1.95 9.09 -30.63
CA ALA A 634 1.48 9.72 -31.86
C ALA A 634 0.34 8.91 -32.48
N ILE A 635 0.37 7.60 -32.31
CA ILE A 635 -0.75 6.78 -32.76
C ILE A 635 -1.90 6.84 -31.75
N HIS A 636 -1.58 7.09 -30.47
CA HIS A 636 -2.61 7.10 -29.45
C HIS A 636 -3.47 8.36 -29.53
N VAL A 637 -2.81 9.52 -29.61
CA VAL A 637 -3.56 10.78 -29.66
C VAL A 637 -4.38 10.88 -30.94
N LEU A 638 -3.88 10.31 -32.04
CA LEU A 638 -4.66 10.32 -33.27
C LEU A 638 -5.90 9.45 -33.14
N ALA A 639 -5.75 8.24 -32.59
CA ALA A 639 -6.88 7.31 -32.49
C ALA A 639 -7.91 7.81 -31.50
N SER A 640 -7.52 8.73 -30.61
CA SER A 640 -8.47 9.29 -29.65
C SER A 640 -9.36 10.33 -30.31
N LEU A 641 -8.78 11.20 -31.15
CA LEU A 641 -9.57 12.17 -31.87
C LEU A 641 -10.59 11.48 -32.76
N ALA A 642 -10.17 10.43 -33.48
CA ALA A 642 -11.09 9.70 -34.33
C ALA A 642 -12.25 9.12 -33.53
N LEU A 643 -11.94 8.58 -32.34
CA LEU A 643 -13.00 8.03 -31.51
C LEU A 643 -13.91 9.13 -30.96
N SER A 644 -13.38 10.33 -30.78
CA SER A 644 -14.20 11.44 -30.30
C SER A 644 -15.08 12.01 -31.41
N THR A 645 -14.53 12.14 -32.62
CA THR A 645 -15.34 12.58 -33.75
C THR A 645 -16.39 11.53 -34.12
N GLN A 646 -15.99 10.25 -34.15
CA GLN A 646 -16.96 9.18 -34.40
C GLN A 646 -18.00 9.10 -33.29
N ILE A 647 -17.67 9.60 -32.10
CA ILE A 647 -18.64 9.67 -31.01
C ILE A 647 -19.59 10.84 -31.20
N TYR A 648 -19.08 11.99 -31.62
CA TYR A 648 -19.91 13.18 -31.71
C TYR A 648 -20.82 13.12 -32.92
N TYR A 649 -20.35 12.56 -34.02
CA TYR A 649 -21.17 12.44 -35.22
C TYR A 649 -22.44 11.63 -34.94
N MET A 650 -22.41 10.78 -33.91
CA MET A 650 -23.59 10.03 -33.52
C MET A 650 -24.44 10.80 -32.51
N GLY A 651 -23.84 11.70 -31.75
CA GLY A 651 -24.51 12.38 -30.64
C GLY A 651 -25.11 13.72 -31.03
N ARG A 652 -24.93 14.17 -32.27
CA ARG A 652 -25.53 15.40 -32.75
C ARG A 652 -26.82 15.04 -33.50
N PHE A 653 -27.97 15.34 -32.88
CA PHE A 653 -29.25 14.97 -33.47
C PHE A 653 -29.42 15.56 -34.86
N LYS A 654 -28.77 16.68 -35.14
CA LYS A 654 -28.78 17.30 -36.46
C LYS A 654 -27.39 17.31 -37.06
N ILE A 655 -26.69 16.18 -36.94
CA ILE A 655 -25.32 16.09 -37.42
C ILE A 655 -25.24 16.37 -38.92
N ASP A 656 -26.04 15.66 -39.71
CA ASP A 656 -25.99 15.85 -41.15
C ASP A 656 -26.78 17.07 -41.60
N LEU A 657 -27.87 17.40 -40.90
CA LEU A 657 -28.70 18.52 -41.31
C LEU A 657 -27.97 19.85 -41.16
N GLY A 658 -27.10 19.97 -40.17
CA GLY A 658 -26.38 21.23 -39.96
C GLY A 658 -25.42 21.51 -41.10
N ILE A 659 -24.53 20.56 -41.38
CA ILE A 659 -23.52 20.74 -42.43
C ILE A 659 -24.11 20.62 -43.84
N PHE A 660 -25.42 20.53 -43.99
CA PHE A 660 -26.03 20.41 -45.31
C PHE A 660 -26.17 21.78 -45.96
N MET A 681 -15.99 23.58 -44.25
CA MET A 681 -15.00 22.51 -44.12
C MET A 681 -13.61 23.07 -43.82
N ASP A 682 -13.48 24.40 -43.86
CA ASP A 682 -12.21 25.04 -43.51
C ASP A 682 -11.89 24.83 -42.04
N ARG A 683 -12.91 24.72 -41.19
CA ARG A 683 -12.67 24.43 -39.78
C ARG A 683 -12.28 22.98 -39.57
N MET A 684 -12.69 22.09 -40.47
CA MET A 684 -12.33 20.67 -40.35
C MET A 684 -10.83 20.48 -40.51
N VAL A 685 -10.19 21.30 -41.36
CA VAL A 685 -8.73 21.28 -41.44
C VAL A 685 -8.10 21.95 -40.23
N LEU A 686 -8.72 23.01 -39.73
CA LEU A 686 -8.18 23.71 -38.57
C LEU A 686 -8.24 22.84 -37.32
N LEU A 687 -9.29 22.05 -37.18
CA LEU A 687 -9.37 21.13 -36.04
C LEU A 687 -8.34 20.02 -36.17
N VAL A 688 -8.05 19.59 -37.40
CA VAL A 688 -6.99 18.62 -37.60
C VAL A 688 -5.64 19.18 -37.17
N VAL A 689 -5.44 20.49 -37.34
CA VAL A 689 -4.23 21.14 -36.84
C VAL A 689 -4.22 21.18 -35.32
N GLY A 690 -5.39 21.32 -34.71
CA GLY A 690 -5.47 21.26 -33.26
C GLY A 690 -5.10 19.87 -32.74
N ASN A 691 -5.64 18.83 -33.37
CA ASN A 691 -5.29 17.47 -32.98
C ASN A 691 -3.85 17.14 -33.37
N LEU A 692 -3.39 17.61 -34.53
CA LEU A 692 -2.01 17.34 -34.94
C LEU A 692 -1.01 18.04 -34.02
N VAL A 693 -1.37 19.22 -33.51
CA VAL A 693 -0.55 19.84 -32.47
C VAL A 693 -0.71 19.11 -31.15
N ASN A 694 -1.87 18.48 -30.94
CA ASN A 694 -2.09 17.72 -29.71
C ASN A 694 -1.23 16.46 -29.69
N TRP A 695 -1.20 15.74 -30.81
CA TRP A 695 -0.39 14.53 -30.87
C TRP A 695 1.11 14.85 -30.85
N SER A 696 1.54 15.84 -31.65
CA SER A 696 2.95 16.20 -31.69
C SER A 696 3.45 16.75 -30.37
N PHE A 697 2.53 17.03 -29.44
CA PHE A 697 2.99 17.45 -28.14
C PHE A 697 3.08 16.31 -27.16
N ALA A 698 2.66 15.15 -27.58
CA ALA A 698 2.84 13.98 -26.77
C ALA A 698 4.17 13.31 -27.03
N LEU A 699 4.33 12.62 -28.16
CA LEU A 699 5.62 11.97 -28.54
C LEU A 699 6.42 10.92 -27.74
N PHE A 700 7.72 11.14 -27.52
CA PHE A 700 8.62 10.12 -26.90
C PHE A 700 8.43 10.13 -25.43
N GLY A 701 7.58 9.26 -24.88
CA GLY A 701 7.19 9.31 -23.47
C GLY A 701 6.55 10.65 -23.64
N LEU A 702 6.89 11.61 -22.82
CA LEU A 702 6.40 12.93 -23.04
C LEU A 702 7.21 13.78 -23.99
N ILE A 703 6.62 14.85 -24.53
CA ILE A 703 7.44 15.74 -25.36
C ILE A 703 7.74 16.53 -24.15
N TYR A 704 6.69 17.10 -23.57
CA TYR A 704 6.85 17.81 -22.31
C TYR A 704 5.85 17.19 -21.36
N ARG A 705 4.72 16.78 -21.90
CA ARG A 705 3.67 16.31 -21.02
C ARG A 705 2.70 15.16 -21.33
N ARG A 707 2.91 11.71 -19.52
CA ARG A 707 2.81 11.33 -18.13
C ARG A 707 1.98 10.18 -17.66
N ASP A 708 0.69 10.24 -17.92
CA ASP A 708 -0.12 9.21 -17.29
C ASP A 708 -0.86 9.06 -18.60
N PHE A 709 -0.90 7.83 -19.13
CA PHE A 709 -1.38 7.65 -20.49
C PHE A 709 -2.90 7.79 -20.58
N ALA A 710 -3.63 7.06 -19.74
CA ALA A 710 -5.09 7.10 -19.81
C ALA A 710 -5.62 8.50 -19.55
N SER A 711 -5.01 9.20 -18.58
CA SER A 711 -5.47 10.55 -18.27
C SER A 711 -5.17 11.52 -19.40
N TYR A 712 -4.02 11.37 -20.04
CA TYR A 712 -3.69 12.23 -21.17
C TYR A 712 -4.62 11.99 -22.34
N MET A 713 -4.92 10.72 -22.62
CA MET A 713 -5.78 10.44 -23.76
C MET A 713 -7.22 10.85 -23.46
N LEU A 714 -7.63 10.81 -22.20
CA LEU A 714 -8.94 11.34 -21.84
C LEU A 714 -8.97 12.87 -21.95
N GLY A 715 -7.88 13.53 -21.60
CA GLY A 715 -7.82 14.97 -21.82
C GLY A 715 -7.94 15.31 -23.28
N ILE A 716 -7.30 14.54 -24.14
CA ILE A 716 -7.45 14.72 -25.59
C ILE A 716 -8.89 14.49 -26.01
N PHE A 717 -9.51 13.45 -25.45
CA PHE A 717 -10.92 13.17 -25.69
C PHE A 717 -11.79 14.38 -25.40
N ILE A 718 -11.66 14.95 -24.20
CA ILE A 718 -12.50 16.06 -23.81
C ILE A 718 -12.19 17.29 -24.65
N CYS A 719 -10.91 17.52 -24.96
CA CYS A 719 -10.56 18.67 -25.78
C CYS A 719 -11.24 18.57 -27.15
N ASN A 720 -11.19 17.39 -27.77
CA ASN A 720 -11.82 17.24 -29.09
C ASN A 720 -13.34 17.32 -28.99
N LEU A 721 -13.93 16.81 -27.90
CA LEU A 721 -15.37 16.92 -27.75
C LEU A 721 -15.81 18.38 -27.67
N LEU A 722 -15.16 19.16 -26.82
CA LEU A 722 -15.52 20.57 -26.71
C LEU A 722 -15.21 21.31 -27.99
N LEU A 723 -14.16 20.93 -28.72
CA LEU A 723 -13.87 21.63 -29.95
C LEU A 723 -14.91 21.29 -31.01
N TYR A 724 -15.43 20.07 -31.02
CA TYR A 724 -16.54 19.74 -31.89
C TYR A 724 -17.78 20.54 -31.53
N LEU A 725 -18.01 20.74 -30.23
CA LEU A 725 -19.11 21.60 -29.82
C LEU A 725 -18.92 23.01 -30.36
N ALA A 726 -17.69 23.52 -30.33
CA ALA A 726 -17.41 24.84 -30.88
C ALA A 726 -17.70 24.88 -32.38
N PHE A 727 -17.24 23.86 -33.10
CA PHE A 727 -17.50 23.79 -34.54
C PHE A 727 -19.00 23.74 -34.83
N TYR A 728 -19.74 23.04 -33.98
CA TYR A 728 -21.20 22.96 -34.16
C TYR A 728 -21.86 24.30 -33.91
N ILE A 729 -21.39 25.04 -32.90
CA ILE A 729 -21.94 26.38 -32.68
C ILE A 729 -21.65 27.27 -33.89
N ILE A 730 -20.44 27.15 -34.44
CA ILE A 730 -20.08 27.96 -35.60
C ILE A 730 -20.95 27.61 -36.79
N MET A 731 -21.24 26.32 -36.99
CA MET A 731 -22.08 25.92 -38.11
C MET A 731 -23.53 26.33 -37.89
N LYS A 732 -23.98 26.36 -36.64
CA LYS A 732 -25.31 26.89 -36.35
C LYS A 732 -25.38 28.37 -36.70
N LEU A 733 -24.33 29.13 -36.36
CA LEU A 733 -24.32 30.54 -36.68
C LEU A 733 -24.11 30.79 -38.17
N ARG A 734 -23.51 29.83 -38.88
CA ARG A 734 -23.43 29.92 -40.34
C ARG A 734 -24.82 29.99 -40.94
N SER A 735 -25.77 29.26 -40.36
CA SER A 735 -27.16 29.42 -40.71
C SER A 735 -27.77 30.57 -39.89
N SER A 736 -28.89 31.09 -40.37
CA SER A 736 -29.57 32.19 -39.68
C SER A 736 -30.49 31.64 -38.59
N GLU A 737 -29.89 30.91 -37.66
CA GLU A 737 -30.59 30.36 -36.51
C GLU A 737 -30.17 31.11 -35.26
N LYS A 738 -31.13 31.78 -34.64
CA LYS A 738 -30.85 32.65 -33.50
C LYS A 738 -30.54 31.79 -32.28
N VAL A 739 -29.42 32.09 -31.63
CA VAL A 739 -29.02 31.43 -30.39
C VAL A 739 -29.70 32.16 -29.24
N LEU A 740 -30.50 31.43 -28.46
CA LEU A 740 -31.26 32.05 -27.39
C LEU A 740 -30.31 32.66 -26.35
N PRO A 741 -30.80 33.60 -25.55
CA PRO A 741 -29.90 34.24 -24.57
C PRO A 741 -29.33 33.29 -23.54
N VAL A 742 -30.02 32.23 -23.17
CA VAL A 742 -29.53 31.34 -22.12
C VAL A 742 -28.33 30.53 -22.62
N PRO A 743 -28.40 29.85 -23.77
CA PRO A 743 -27.17 29.25 -24.32
C PRO A 743 -26.12 30.29 -24.66
N LEU A 744 -26.50 31.54 -24.90
CA LEU A 744 -25.52 32.59 -25.11
C LEU A 744 -24.67 32.79 -23.86
N PHE A 745 -25.32 33.05 -22.73
CA PHE A 745 -24.60 33.20 -21.48
C PHE A 745 -23.80 31.94 -21.18
N CYS A 746 -24.37 30.77 -21.48
CA CYS A 746 -23.69 29.53 -21.14
C CYS A 746 -22.42 29.34 -21.96
N ILE A 747 -22.42 29.70 -23.25
CA ILE A 747 -21.21 29.53 -24.05
C ILE A 747 -20.17 30.56 -23.68
N VAL A 748 -20.58 31.81 -23.42
CA VAL A 748 -19.62 32.80 -22.95
C VAL A 748 -18.96 32.31 -21.66
N ALA A 749 -19.79 31.85 -20.71
CA ALA A 749 -19.27 31.40 -19.44
C ALA A 749 -18.41 30.15 -19.58
N THR A 750 -18.76 29.27 -20.52
CA THR A 750 -17.94 28.09 -20.74
C THR A 750 -16.55 28.49 -21.18
N ALA A 751 -16.45 29.39 -22.15
CA ALA A 751 -15.13 29.80 -22.61
C ALA A 751 -14.35 30.45 -21.48
N VAL A 752 -14.97 31.39 -20.77
CA VAL A 752 -14.26 32.10 -19.71
C VAL A 752 -13.80 31.14 -18.62
N MET A 753 -14.71 30.31 -18.11
CA MET A 753 -14.39 29.40 -17.03
C MET A 753 -13.37 28.36 -17.46
N TRP A 754 -13.38 27.94 -18.72
CA TRP A 754 -12.40 26.95 -19.13
C TRP A 754 -11.02 27.58 -19.25
N ALA A 755 -10.92 28.84 -19.65
CA ALA A 755 -9.62 29.50 -19.61
C ALA A 755 -9.11 29.61 -18.19
N ALA A 756 -9.97 30.12 -17.29
CA ALA A 756 -9.55 30.33 -15.90
C ALA A 756 -9.28 29.02 -15.20
N ALA A 757 -9.84 27.91 -15.69
CA ALA A 757 -9.56 26.63 -15.08
C ALA A 757 -8.30 26.00 -15.64
N LEU A 758 -8.05 26.16 -16.94
CA LEU A 758 -6.84 25.59 -17.52
C LEU A 758 -5.60 26.27 -16.94
N TYR A 759 -5.69 27.56 -16.63
CA TYR A 759 -4.56 28.20 -15.98
C TYR A 759 -4.11 27.40 -14.77
N PHE A 760 -5.05 27.05 -13.89
CA PHE A 760 -4.72 26.31 -12.68
C PHE A 760 -4.54 24.82 -12.93
N PHE A 761 -4.99 24.31 -14.07
CA PHE A 761 -4.66 22.94 -14.43
C PHE A 761 -3.17 22.78 -14.69
N PHE A 762 -2.49 23.86 -15.04
CA PHE A 762 -1.08 23.78 -15.41
C PHE A 762 -0.16 24.23 -14.28
N GLN A 763 -0.49 23.85 -13.05
CA GLN A 763 0.33 24.19 -11.90
C GLN A 763 1.21 23.05 -11.44
N ASN A 764 0.65 21.87 -11.22
CA ASN A 764 1.44 20.67 -10.89
C ASN A 764 2.23 20.88 -9.60
N LEU A 765 1.48 20.95 -8.49
CA LEU A 765 2.07 21.07 -7.16
C LEU A 765 2.63 19.77 -6.62
N SER A 766 2.36 18.64 -7.26
CA SER A 766 2.91 17.36 -6.82
C SER A 766 2.86 16.40 -8.00
N SER A 767 3.51 15.26 -7.84
CA SER A 767 3.55 14.28 -8.92
C SER A 767 3.98 12.93 -8.36
N TRP A 768 3.15 11.91 -8.55
CA TRP A 768 3.57 10.55 -8.23
C TRP A 768 4.48 9.97 -9.28
N GLU A 769 4.91 10.71 -10.23
CA GLU A 769 5.69 10.18 -11.23
C GLU A 769 7.00 9.94 -10.66
N GLY A 770 7.53 10.83 -9.83
CA GLY A 770 8.78 10.62 -9.15
C GLY A 770 8.82 10.05 -7.75
N THR A 771 9.97 10.14 -7.10
CA THR A 771 10.08 9.73 -5.73
C THR A 771 9.35 10.74 -4.85
N PRO A 772 8.95 10.35 -3.64
CA PRO A 772 8.22 11.29 -2.78
C PRO A 772 8.97 12.59 -2.53
N ALA A 773 10.29 12.52 -2.36
CA ALA A 773 11.06 13.70 -2.07
C ALA A 773 11.09 14.68 -3.22
N GLU A 774 10.89 14.22 -4.45
CA GLU A 774 10.87 15.09 -5.62
C GLU A 774 9.49 15.69 -5.87
N SER A 775 8.43 14.92 -5.63
CA SER A 775 7.10 15.49 -5.52
C SER A 775 7.09 16.62 -4.51
N ARG A 776 7.61 16.36 -3.32
CA ARG A 776 7.51 17.28 -2.19
C ARG A 776 8.20 18.61 -2.44
N GLU A 777 9.01 18.73 -3.48
CA GLU A 777 9.74 19.95 -3.74
C GLU A 777 9.02 20.87 -4.71
N LYS A 778 7.82 20.52 -5.12
CA LYS A 778 7.03 21.36 -6.00
C LYS A 778 5.86 22.02 -5.31
N ASN A 779 5.43 21.54 -4.16
CA ASN A 779 4.22 22.06 -3.57
C ASN A 779 4.48 23.41 -2.92
N ARG A 780 3.56 24.34 -3.15
CA ARG A 780 3.64 25.68 -2.62
C ARG A 780 2.43 25.94 -1.74
N GLU A 781 2.35 27.17 -1.24
CA GLU A 781 1.44 27.53 -0.18
C GLU A 781 0.01 27.71 -0.70
N CYS A 782 -0.86 28.12 0.21
CA CYS A 782 -2.29 28.25 -0.06
C CYS A 782 -2.56 29.63 -0.62
N ILE A 783 -3.28 29.69 -1.73
CA ILE A 783 -3.51 30.97 -2.39
C ILE A 783 -4.81 31.62 -1.98
N LEU A 784 -5.85 30.83 -1.68
CA LEU A 784 -7.17 31.37 -1.41
C LEU A 784 -7.59 31.06 0.01
N LEU A 785 -7.88 32.11 0.78
CA LEU A 785 -8.50 32.00 2.09
C LEU A 785 -7.64 31.20 3.07
N ASP A 786 -6.34 31.18 2.85
CA ASP A 786 -5.40 30.44 3.67
C ASP A 786 -5.69 28.94 3.69
N PHE A 787 -6.45 28.44 2.72
CA PHE A 787 -6.94 27.08 2.79
C PHE A 787 -6.84 26.29 1.49
N PHE A 788 -6.81 26.94 0.33
CA PHE A 788 -6.87 26.25 -0.94
C PHE A 788 -5.63 26.53 -1.76
N ASP A 789 -5.00 25.49 -2.28
CA ASP A 789 -3.84 25.66 -3.13
C ASP A 789 -4.31 25.78 -4.57
N ASP A 790 -3.37 25.72 -5.51
CA ASP A 790 -3.75 25.90 -6.90
C ASP A 790 -4.57 24.75 -7.43
N HIS A 791 -4.34 23.54 -6.93
CA HIS A 791 -5.10 22.40 -7.44
C HIS A 791 -6.53 22.43 -6.96
N ASP A 792 -6.80 23.09 -5.83
CA ASP A 792 -8.18 23.20 -5.36
C ASP A 792 -8.96 24.24 -6.14
N ILE A 793 -8.30 25.27 -6.66
CA ILE A 793 -8.98 26.20 -7.54
C ILE A 793 -9.16 25.59 -8.92
N TRP A 794 -8.54 24.46 -9.19
CA TRP A 794 -8.85 23.72 -10.40
C TRP A 794 -10.04 22.79 -10.20
N HIS A 795 -10.17 22.20 -9.02
CA HIS A 795 -11.35 21.38 -8.75
C HIS A 795 -12.61 22.22 -8.65
N PHE A 796 -12.49 23.52 -8.43
CA PHE A 796 -13.67 24.37 -8.42
C PHE A 796 -14.00 24.82 -9.83
N LEU A 797 -13.01 25.29 -10.55
CA LEU A 797 -13.23 25.89 -11.86
C LEU A 797 -13.40 24.85 -12.96
N SER A 798 -13.01 23.60 -12.75
CA SER A 798 -13.35 22.59 -13.74
C SER A 798 -14.76 22.04 -13.51
N ALA A 799 -15.15 21.89 -12.26
CA ALA A 799 -16.53 21.52 -11.98
C ALA A 799 -17.51 22.62 -12.31
N THR A 800 -17.05 23.88 -12.37
CA THR A 800 -17.88 24.96 -12.87
C THR A 800 -17.81 25.10 -14.39
N ALA A 801 -16.67 24.84 -14.99
CA ALA A 801 -16.57 24.96 -16.43
C ALA A 801 -17.14 23.75 -17.16
N LEU A 802 -17.08 22.57 -16.54
CA LEU A 802 -17.63 21.37 -17.16
C LEU A 802 -19.14 21.32 -17.06
N PHE A 803 -19.71 22.04 -16.10
CA PHE A 803 -21.17 22.11 -15.97
C PHE A 803 -21.76 23.08 -16.97
N PHE A 804 -21.08 24.20 -17.20
CA PHE A 804 -21.53 25.15 -18.21
C PHE A 804 -21.42 24.58 -19.61
N SER A 805 -20.44 23.74 -19.88
CA SER A 805 -20.38 23.09 -21.18
C SER A 805 -21.47 22.04 -21.36
N PHE A 806 -21.73 21.20 -20.34
CA PHE A 806 -22.89 20.32 -20.40
C PHE A 806 -24.15 21.12 -20.66
N LEU A 807 -24.29 22.26 -20.00
CA LEU A 807 -25.49 23.07 -20.17
C LEU A 807 -25.58 23.66 -21.56
N VAL A 808 -24.46 24.10 -22.13
CA VAL A 808 -24.44 24.55 -23.51
C VAL A 808 -24.96 23.45 -24.42
N LEU A 809 -24.39 22.26 -24.29
CA LEU A 809 -24.74 21.17 -25.19
C LEU A 809 -26.21 20.78 -25.03
N LEU A 810 -26.72 20.85 -23.80
CA LEU A 810 -28.13 20.53 -23.59
C LEU A 810 -29.03 21.59 -24.21
N THR A 811 -28.94 22.83 -23.74
CA THR A 811 -29.90 23.87 -24.10
C THR A 811 -29.49 24.62 -25.36
N LEU A 812 -28.68 24.02 -26.22
CA LEU A 812 -28.24 24.74 -27.42
C LEU A 812 -29.38 24.93 -28.40
N ASP A 813 -29.98 23.82 -28.85
CA ASP A 813 -30.91 23.84 -29.96
C ASP A 813 -32.33 24.17 -29.51
N ASP A 814 -32.51 25.30 -28.84
CA ASP A 814 -33.87 25.74 -28.53
C ASP A 814 -34.54 26.38 -29.73
N ASP A 815 -33.75 26.97 -30.64
CA ASP A 815 -34.28 27.59 -31.84
C ASP A 815 -34.91 26.59 -32.80
N LEU A 816 -34.83 25.29 -32.52
CA LEU A 816 -35.52 24.29 -33.30
C LEU A 816 -36.86 23.89 -32.70
N ASP A 817 -37.18 24.33 -31.48
CA ASP A 817 -38.48 24.01 -30.91
C ASP A 817 -39.64 24.59 -31.71
N VAL A 818 -39.35 25.46 -32.67
CA VAL A 818 -40.36 26.03 -33.55
C VAL A 818 -40.21 25.54 -34.99
N VAL A 819 -39.14 24.80 -35.29
CA VAL A 819 -38.80 24.49 -36.68
C VAL A 819 -38.94 22.98 -36.86
N ARG A 820 -39.87 22.37 -36.13
CA ARG A 820 -40.07 20.93 -36.19
C ARG A 820 -40.70 20.49 -37.51
N ALA B 43 44.10 -4.80 31.45
CA ALA B 43 43.63 -5.72 30.41
C ALA B 43 43.98 -7.16 30.76
N ARG B 44 43.07 -7.84 31.45
CA ARG B 44 43.32 -9.22 31.86
C ARG B 44 43.39 -10.13 30.65
N GLY B 45 44.40 -10.98 30.61
CA GLY B 45 44.51 -11.95 29.53
C GLY B 45 43.41 -12.82 30.09
N ALA B 46 42.34 -12.99 29.32
CA ALA B 46 41.15 -13.63 29.83
C ALA B 46 41.03 -14.75 28.81
N ASP B 47 40.37 -15.83 29.21
CA ASP B 47 40.11 -16.98 28.37
C ASP B 47 38.61 -17.19 28.21
N PHE B 48 38.24 -17.90 27.15
CA PHE B 48 36.84 -18.09 26.85
C PHE B 48 36.19 -19.06 27.82
N ASP B 49 34.86 -19.10 27.80
CA ASP B 49 34.05 -20.07 28.52
C ASP B 49 34.22 -19.98 30.04
N HIS B 50 34.78 -18.88 30.53
CA HIS B 50 35.00 -18.69 31.95
C HIS B 50 34.26 -17.42 32.39
N VAL B 51 33.57 -17.51 33.52
CA VAL B 51 32.79 -16.39 34.03
C VAL B 51 33.67 -15.51 34.89
N TYR B 52 33.55 -14.20 34.70
CA TYR B 52 34.27 -13.20 35.48
C TYR B 52 33.28 -12.28 36.17
N SER B 53 33.29 -12.27 37.49
CA SER B 53 32.48 -11.33 38.24
C SER B 53 33.31 -10.08 38.52
N GLY B 54 32.64 -8.97 38.74
CA GLY B 54 33.36 -7.73 38.94
C GLY B 54 32.49 -6.62 39.49
N VAL B 55 33.17 -5.58 39.97
CA VAL B 55 32.53 -4.37 40.46
C VAL B 55 33.21 -3.19 39.77
N VAL B 56 32.41 -2.27 39.25
CA VAL B 56 32.91 -1.05 38.61
C VAL B 56 32.26 0.16 39.26
N ASN B 57 33.06 1.21 39.46
CA ASN B 57 32.55 2.49 39.93
C ASN B 57 33.09 3.60 39.04
N LEU B 58 32.94 4.84 39.48
CA LEU B 58 33.28 6.00 38.65
C LEU B 58 34.74 6.02 38.21
N SER B 59 35.61 5.19 38.79
CA SER B 59 37.03 5.26 38.45
C SER B 59 37.69 3.89 38.36
N THR B 60 36.96 2.87 37.89
CA THR B 60 37.51 1.52 37.85
C THR B 60 37.82 1.02 36.45
N GLU B 61 36.82 0.97 35.56
CA GLU B 61 37.05 0.68 34.14
C GLU B 61 37.78 -0.66 33.96
N ASN B 62 37.07 -1.74 34.27
CA ASN B 62 37.66 -3.06 34.09
C ASN B 62 37.82 -3.37 32.60
N ILE B 63 38.91 -4.04 32.24
CA ILE B 63 39.21 -4.34 30.85
C ILE B 63 39.69 -5.77 30.74
N TYR B 64 39.03 -6.55 29.88
CA TYR B 64 39.40 -7.92 29.59
C TYR B 64 39.84 -8.03 28.14
N SER B 65 40.80 -8.91 27.88
CA SER B 65 41.34 -9.11 26.55
C SER B 65 41.25 -10.58 26.23
N PHE B 66 40.53 -10.92 25.16
CA PHE B 66 40.34 -12.29 24.74
C PHE B 66 41.05 -12.48 23.40
N ASN B 67 42.02 -13.37 23.38
CA ASN B 67 42.78 -13.67 22.18
C ASN B 67 42.35 -15.04 21.67
N TYR B 68 42.11 -15.13 20.36
CA TYR B 68 41.78 -16.42 19.78
C TYR B 68 42.28 -16.44 18.34
N THR B 69 42.06 -17.57 17.68
CA THR B 69 42.45 -17.74 16.29
C THR B 69 41.30 -18.34 15.51
N SER B 70 41.36 -18.19 14.18
CA SER B 70 40.33 -18.72 13.32
C SER B 70 40.97 -19.28 12.06
N GLN B 71 40.64 -20.53 11.74
CA GLN B 71 41.15 -21.25 10.58
C GLN B 71 40.31 -20.93 9.35
N PRO B 72 40.84 -21.19 8.15
CA PRO B 72 40.14 -20.77 6.92
C PRO B 72 38.71 -21.27 6.78
N ASP B 73 38.47 -22.58 6.87
CA ASP B 73 37.15 -23.09 6.53
C ASP B 73 36.12 -22.78 7.61
N GLN B 74 36.47 -22.94 8.88
CA GLN B 74 35.49 -22.85 9.95
C GLN B 74 35.11 -21.40 10.25
N VAL B 75 34.00 -21.25 10.98
CA VAL B 75 33.47 -19.94 11.34
C VAL B 75 33.37 -19.87 12.87
N THR B 76 33.99 -18.86 13.46
CA THR B 76 34.15 -18.83 14.90
C THR B 76 32.92 -18.27 15.61
N ALA B 77 32.60 -17.00 15.36
CA ALA B 77 31.42 -16.34 15.93
C ALA B 77 31.46 -16.35 17.46
N VAL B 78 32.39 -15.54 18.00
CA VAL B 78 32.41 -15.28 19.43
C VAL B 78 31.09 -14.61 19.87
N ARG B 79 30.65 -14.94 21.08
CA ARG B 79 29.46 -14.37 21.67
C ARG B 79 29.74 -13.95 23.10
N VAL B 80 29.14 -12.84 23.53
CA VAL B 80 29.42 -12.19 24.80
C VAL B 80 28.13 -12.10 25.60
N TYR B 81 28.15 -12.65 26.82
CA TYR B 81 27.06 -12.53 27.77
C TYR B 81 27.50 -11.62 28.90
N VAL B 82 26.65 -10.70 29.31
CA VAL B 82 26.90 -9.84 30.46
C VAL B 82 25.64 -9.75 31.29
N ASN B 83 25.78 -10.02 32.58
CA ASN B 83 24.68 -9.89 33.53
C ASN B 83 24.96 -8.75 34.49
N SER B 84 23.89 -8.09 34.92
CA SER B 84 23.97 -7.15 36.03
C SER B 84 22.91 -7.56 37.04
N SER B 85 22.66 -6.73 38.05
CA SER B 85 21.79 -7.13 39.13
C SER B 85 20.57 -6.22 39.31
N SER B 86 20.41 -5.21 38.46
CA SER B 86 19.20 -4.39 38.32
C SER B 86 18.94 -3.42 39.48
N GLU B 87 19.70 -3.50 40.58
CA GLU B 87 19.70 -2.34 41.45
C GLU B 87 20.43 -1.18 40.80
N ASN B 88 21.20 -1.46 39.77
CA ASN B 88 21.66 -0.45 38.81
C ASN B 88 20.48 -0.15 37.91
N LEU B 89 19.84 1.00 38.08
CA LEU B 89 18.92 1.41 37.04
C LEU B 89 19.17 2.85 36.67
N ASN B 90 19.62 3.64 37.64
CA ASN B 90 20.09 4.99 37.37
C ASN B 90 21.60 5.04 37.13
N TYR B 91 22.30 3.93 37.32
CA TYR B 91 23.73 3.81 37.01
C TYR B 91 23.99 2.46 36.37
N PRO B 92 23.62 2.30 35.10
CA PRO B 92 23.76 1.00 34.44
C PRO B 92 25.22 0.56 34.35
N VAL B 93 25.43 -0.68 33.89
CA VAL B 93 26.78 -1.15 33.63
C VAL B 93 27.05 -1.02 32.14
N LEU B 94 27.97 -0.13 31.77
CA LEU B 94 28.24 0.19 30.38
C LEU B 94 29.29 -0.77 29.82
N VAL B 95 28.91 -1.56 28.82
CA VAL B 95 29.77 -2.58 28.23
C VAL B 95 30.16 -2.14 26.84
N VAL B 96 31.46 -2.21 26.53
CA VAL B 96 32.01 -1.82 25.24
C VAL B 96 32.88 -2.96 24.74
N VAL B 97 32.54 -3.52 23.59
CA VAL B 97 33.32 -4.57 22.96
C VAL B 97 34.06 -3.95 21.79
N ARG B 98 35.38 -3.91 21.87
CA ARG B 98 36.21 -3.37 20.83
C ARG B 98 36.85 -4.51 20.05
N GLN B 99 36.79 -4.41 18.74
CA GLN B 99 37.47 -5.32 17.84
C GLN B 99 38.42 -4.52 16.98
N GLN B 100 39.01 -5.17 15.99
CA GLN B 100 39.91 -4.46 15.10
C GLN B 100 39.17 -3.42 14.27
N LYS B 101 37.90 -3.67 13.96
CA LYS B 101 37.17 -2.79 13.06
C LYS B 101 35.76 -2.45 13.51
N GLU B 102 35.36 -2.80 14.74
CA GLU B 102 33.99 -2.56 15.18
C GLU B 102 33.99 -2.20 16.65
N VAL B 103 33.02 -1.38 17.05
CA VAL B 103 32.80 -1.05 18.44
C VAL B 103 31.33 -1.34 18.74
N LEU B 104 31.09 -2.24 19.66
CA LEU B 104 29.74 -2.64 20.03
C LEU B 104 29.51 -2.18 21.46
N SER B 105 28.67 -1.18 21.65
CA SER B 105 28.40 -0.66 22.97
C SER B 105 26.97 -0.98 23.36
N TRP B 106 26.77 -1.21 24.65
CA TRP B 106 25.42 -1.29 25.18
C TRP B 106 25.50 -1.04 26.68
N GLN B 107 24.34 -0.88 27.30
CA GLN B 107 24.23 -0.67 28.72
C GLN B 107 23.51 -1.86 29.33
N VAL B 108 23.87 -2.23 30.55
CA VAL B 108 23.30 -3.42 31.14
C VAL B 108 22.70 -3.16 32.51
N PRO B 109 21.57 -2.50 32.58
CA PRO B 109 20.30 -3.19 32.35
C PRO B 109 19.89 -2.72 30.97
N LEU B 110 19.19 -3.51 30.17
CA LEU B 110 18.77 -3.01 28.87
C LEU B 110 17.39 -2.42 29.06
N LEU B 111 17.21 -1.16 28.67
CA LEU B 111 15.95 -0.47 28.81
C LEU B 111 15.17 -0.49 27.50
N PHE B 112 13.85 -0.62 27.63
CA PHE B 112 12.94 -0.67 26.49
C PHE B 112 11.75 0.21 26.78
N GLN B 113 11.33 0.99 25.79
CA GLN B 113 10.18 1.88 25.93
C GLN B 113 8.99 1.27 25.23
N GLY B 114 7.99 0.85 26.01
CA GLY B 114 6.74 0.38 25.45
C GLY B 114 5.83 1.56 25.14
N LEU B 115 5.14 1.46 24.00
CA LEU B 115 4.50 2.64 23.43
C LEU B 115 3.48 3.27 24.36
N TYR B 116 2.90 2.50 25.28
CA TYR B 116 1.99 3.12 26.22
C TYR B 116 2.74 3.60 27.45
N GLN B 117 3.84 4.31 27.22
CA GLN B 117 4.65 4.90 28.29
C GLN B 117 5.04 3.86 29.32
N ARG B 118 5.42 2.68 28.85
CA ARG B 118 5.87 1.62 29.75
C ARG B 118 7.37 1.43 29.62
N SER B 119 7.95 0.76 30.60
CA SER B 119 9.40 0.60 30.67
C SER B 119 9.74 -0.82 31.08
N TYR B 120 10.66 -1.43 30.33
CA TYR B 120 11.13 -2.78 30.61
C TYR B 120 12.63 -2.77 30.73
N ASN B 121 13.17 -3.59 31.62
CA ASN B 121 14.61 -3.72 31.75
C ASN B 121 15.00 -5.18 31.81
N TYR B 122 16.15 -5.50 31.21
CA TYR B 122 16.64 -6.86 31.09
C TYR B 122 18.03 -6.92 31.68
N GLN B 123 18.24 -7.86 32.61
CA GLN B 123 19.52 -7.96 33.29
C GLN B 123 20.55 -8.71 32.46
N GLU B 124 20.14 -9.77 31.79
CA GLU B 124 21.04 -10.58 30.98
C GLU B 124 21.04 -10.01 29.57
N VAL B 125 22.21 -9.65 29.06
CA VAL B 125 22.33 -9.12 27.71
C VAL B 125 23.41 -9.89 27.00
N SER B 126 23.08 -10.46 25.85
CA SER B 126 23.99 -11.32 25.12
C SER B 126 24.03 -10.87 23.66
N ARG B 127 25.20 -10.92 23.05
CA ARG B 127 25.35 -10.52 21.65
C ARG B 127 26.45 -11.31 20.96
N THR B 128 26.20 -11.63 19.71
CA THR B 128 27.17 -12.32 18.86
C THR B 128 27.91 -11.28 18.01
N LEU B 129 29.22 -11.33 18.04
CA LEU B 129 30.03 -10.38 17.29
C LEU B 129 30.11 -10.83 15.84
N CYS B 130 30.20 -9.87 14.93
CA CYS B 130 30.26 -10.20 13.51
C CYS B 130 31.45 -11.09 13.21
N PRO B 131 31.26 -12.33 12.78
CA PRO B 131 32.39 -13.18 12.48
C PRO B 131 33.05 -12.78 11.19
N SER B 132 34.38 -12.73 11.22
CA SER B 132 35.18 -12.57 10.02
C SER B 132 36.07 -13.80 9.91
N GLU B 133 35.86 -14.57 8.85
CA GLU B 133 36.53 -15.85 8.71
C GLU B 133 37.83 -15.66 7.93
N ALA B 134 38.79 -16.52 8.21
CA ALA B 134 40.00 -16.55 7.42
C ALA B 134 39.67 -17.00 6.01
N THR B 135 40.08 -16.21 5.02
CA THR B 135 39.81 -16.55 3.63
C THR B 135 40.42 -17.90 3.28
N ASN B 136 39.70 -18.68 2.46
CA ASN B 136 40.01 -20.09 2.27
C ASN B 136 41.43 -20.32 1.79
N GLU B 137 42.12 -21.22 2.50
CA GLU B 137 43.41 -21.76 2.05
C GLU B 137 44.45 -20.65 1.85
N THR B 138 44.44 -19.68 2.76
CA THR B 138 45.36 -18.56 2.67
C THR B 138 46.17 -18.36 3.93
N GLY B 139 45.58 -18.62 5.10
CA GLY B 139 46.25 -18.45 6.37
C GLY B 139 45.27 -18.17 7.48
N PRO B 140 45.51 -18.74 8.66
CA PRO B 140 44.64 -18.46 9.79
C PRO B 140 44.79 -17.02 10.25
N LEU B 141 43.78 -16.54 10.96
CA LEU B 141 43.74 -15.16 11.44
C LEU B 141 43.73 -15.14 12.95
N GLN B 142 44.63 -14.37 13.54
CA GLN B 142 44.70 -14.20 14.98
C GLN B 142 43.91 -12.96 15.36
N GLN B 143 42.85 -13.16 16.14
CA GLN B 143 41.94 -12.08 16.50
C GLN B 143 42.07 -11.77 17.98
N LEU B 144 41.84 -10.50 18.31
CA LEU B 144 41.94 -9.98 19.66
C LEU B 144 40.73 -9.11 19.93
N ILE B 145 40.05 -9.37 21.04
CA ILE B 145 38.82 -8.68 21.40
C ILE B 145 39.01 -8.05 22.77
N PHE B 146 38.51 -6.84 22.95
CA PHE B 146 38.59 -6.15 24.22
C PHE B 146 37.19 -5.93 24.76
N VAL B 147 36.99 -6.15 26.04
CA VAL B 147 35.73 -5.87 26.68
C VAL B 147 36.00 -4.91 27.82
N ASP B 148 35.52 -3.68 27.68
CA ASP B 148 35.62 -2.66 28.71
C ASP B 148 34.29 -2.61 29.44
N VAL B 149 34.35 -2.69 30.76
CA VAL B 149 33.16 -2.60 31.60
C VAL B 149 33.34 -1.39 32.50
N ALA B 150 32.39 -0.47 32.43
CA ALA B 150 32.47 0.78 33.16
C ALA B 150 31.13 1.08 33.81
N SER B 151 31.12 2.13 34.63
CA SER B 151 29.94 2.62 35.30
C SER B 151 30.31 3.91 36.01
N MET B 152 29.33 4.81 36.11
CA MET B 152 29.52 6.08 36.81
C MET B 152 28.64 6.00 38.05
N ALA B 153 29.12 5.34 39.09
CA ALA B 153 28.31 5.17 40.27
C ALA B 153 29.08 5.63 41.49
N PRO B 154 28.44 6.37 42.39
CA PRO B 154 29.10 6.73 43.65
C PRO B 154 29.51 5.52 44.46
N LEU B 155 28.88 4.37 44.21
CA LEU B 155 29.22 3.13 44.88
C LEU B 155 29.58 2.10 43.82
N GLY B 156 29.65 0.83 44.19
CA GLY B 156 29.96 -0.20 43.21
C GLY B 156 28.81 -0.45 42.26
N ALA B 157 29.12 -1.22 41.23
CA ALA B 157 28.13 -1.76 40.30
C ALA B 157 28.58 -3.18 39.95
N GLN B 158 27.76 -4.16 40.28
CA GLN B 158 28.11 -5.56 40.09
C GLN B 158 27.83 -6.01 38.67
N TYR B 159 28.66 -6.92 38.18
CA TYR B 159 28.46 -7.47 36.85
C TYR B 159 29.09 -8.85 36.77
N LYS B 160 28.63 -9.62 35.78
CA LYS B 160 29.23 -10.90 35.43
C LYS B 160 29.39 -10.96 33.92
N LEU B 161 30.50 -11.53 33.48
CA LEU B 161 30.90 -11.51 32.08
C LEU B 161 31.32 -12.90 31.66
N LEU B 162 30.71 -13.41 30.60
CA LEU B 162 31.14 -14.64 29.98
C LEU B 162 31.33 -14.37 28.50
N VAL B 163 32.31 -15.04 27.89
CA VAL B 163 32.60 -14.85 26.47
C VAL B 163 32.96 -16.21 25.90
N THR B 164 32.11 -16.73 25.02
CA THR B 164 32.26 -18.08 24.48
C THR B 164 32.40 -18.03 22.97
N LYS B 165 32.64 -19.19 22.39
CA LYS B 165 32.63 -19.38 20.95
C LYS B 165 31.46 -20.29 20.57
N LEU B 166 30.75 -19.91 19.52
CA LEU B 166 29.55 -20.62 19.12
C LEU B 166 29.95 -21.90 18.38
N LYS B 167 29.64 -23.04 18.97
CA LYS B 167 30.05 -24.32 18.39
C LYS B 167 29.25 -24.63 17.14
N HIS B 168 28.02 -24.13 17.06
CA HIS B 168 27.10 -24.42 15.95
C HIS B 168 26.62 -23.12 15.32
N PHE B 169 27.54 -22.24 14.97
CA PHE B 169 27.13 -21.01 14.30
C PHE B 169 26.46 -21.30 12.98
N GLN B 170 27.04 -22.16 12.17
CA GLN B 170 26.57 -22.42 10.82
C GLN B 170 25.45 -23.45 10.83
N LEU B 171 24.42 -23.20 10.03
CA LEU B 171 23.30 -24.12 9.90
C LEU B 171 23.53 -25.08 8.75
N ARG B 172 22.94 -26.26 8.86
CA ARG B 172 23.07 -27.27 7.83
C ARG B 172 21.82 -27.33 6.97
N THR B 173 22.00 -27.83 5.75
CA THR B 173 21.07 -27.62 4.65
C THR B 173 19.76 -28.38 4.81
N ASN B 174 19.65 -29.31 5.75
CA ASN B 174 18.35 -29.95 5.91
C ASN B 174 18.04 -30.31 7.36
N VAL B 175 18.80 -29.80 8.31
CA VAL B 175 18.70 -30.23 9.69
C VAL B 175 17.97 -29.18 10.50
N ALA B 176 17.17 -29.64 11.46
CA ALA B 176 16.52 -28.73 12.39
C ALA B 176 17.52 -28.27 13.42
N PHE B 177 17.39 -27.02 13.85
CA PHE B 177 18.29 -26.43 14.83
C PHE B 177 17.47 -25.71 15.88
N HIS B 178 17.66 -26.06 17.15
CA HIS B 178 16.89 -25.51 18.25
C HIS B 178 17.73 -24.51 19.03
N PHE B 179 17.10 -23.42 19.45
CA PHE B 179 17.79 -22.39 20.20
C PHE B 179 16.75 -21.53 20.91
N THR B 180 17.23 -20.55 21.67
CA THR B 180 16.38 -19.61 22.36
C THR B 180 16.88 -18.21 22.10
N ALA B 181 15.98 -17.24 22.18
CA ALA B 181 16.34 -15.85 22.08
C ALA B 181 15.51 -15.06 23.06
N SER B 182 15.86 -13.78 23.22
CA SER B 182 15.20 -12.91 24.17
C SER B 182 15.29 -11.50 23.63
N PRO B 183 14.44 -10.59 24.10
CA PRO B 183 14.56 -9.18 23.67
C PRO B 183 15.94 -8.60 23.86
N SER B 184 16.68 -9.04 24.87
CA SER B 184 18.01 -8.53 25.13
C SER B 184 19.11 -9.43 24.62
N GLN B 185 18.78 -10.64 24.17
CA GLN B 185 19.76 -11.60 23.67
C GLN B 185 19.38 -12.03 22.26
N PRO B 186 19.47 -11.14 21.29
CA PRO B 186 19.13 -11.49 19.91
C PRO B 186 20.12 -12.50 19.40
N GLN B 187 19.79 -13.17 18.30
CA GLN B 187 20.68 -14.25 17.92
C GLN B 187 20.56 -14.57 16.44
N TYR B 188 21.70 -14.67 15.77
CA TYR B 188 21.72 -14.94 14.34
C TYR B 188 22.72 -16.03 14.01
N PHE B 189 22.51 -16.67 12.86
CA PHE B 189 23.32 -17.78 12.41
C PHE B 189 23.61 -17.63 10.93
N LEU B 190 24.57 -18.40 10.45
CA LEU B 190 25.06 -18.29 9.08
C LEU B 190 24.66 -19.53 8.29
N TYR B 191 24.16 -19.32 7.06
CA TYR B 191 23.86 -20.41 6.15
C TYR B 191 24.63 -20.21 4.86
N LYS B 192 25.30 -21.27 4.41
CA LYS B 192 26.05 -21.27 3.16
C LYS B 192 25.32 -22.14 2.15
N PHE B 193 25.00 -21.58 1.00
CA PHE B 193 24.29 -22.31 -0.02
C PHE B 193 25.15 -23.46 -0.55
N PRO B 194 24.57 -24.62 -0.80
CA PRO B 194 25.30 -25.65 -1.54
C PRO B 194 25.41 -25.27 -3.00
N LYS B 195 26.15 -26.05 -3.78
CA LYS B 195 26.44 -25.65 -5.15
C LYS B 195 25.36 -26.06 -6.15
N ASP B 196 24.53 -27.04 -5.82
CA ASP B 196 23.45 -27.49 -6.68
C ASP B 196 22.08 -27.14 -6.10
N VAL B 197 22.03 -26.16 -5.21
CA VAL B 197 20.78 -25.65 -4.66
C VAL B 197 20.72 -24.17 -5.03
N ASP B 198 19.60 -23.75 -5.62
CA ASP B 198 19.46 -22.38 -6.07
C ASP B 198 18.29 -21.67 -5.41
N SER B 199 17.68 -22.29 -4.41
CA SER B 199 16.56 -21.67 -3.71
C SER B 199 16.35 -22.43 -2.43
N VAL B 200 16.01 -21.73 -1.36
CA VAL B 200 15.71 -22.38 -0.09
C VAL B 200 14.53 -21.69 0.57
N ILE B 201 13.91 -22.40 1.50
CA ILE B 201 12.90 -21.87 2.38
C ILE B 201 13.45 -21.99 3.79
N ILE B 202 13.59 -20.87 4.47
CA ILE B 202 13.86 -20.86 5.90
C ILE B 202 12.52 -21.03 6.59
N LYS B 203 12.30 -22.20 7.19
CA LYS B 203 11.12 -22.47 7.97
C LYS B 203 11.50 -22.39 9.44
N VAL B 204 10.98 -21.36 10.12
CA VAL B 204 11.18 -21.18 11.54
C VAL B 204 9.86 -21.49 12.21
N VAL B 205 9.91 -22.28 13.28
CA VAL B 205 8.71 -22.66 14.01
C VAL B 205 8.96 -22.51 15.50
N SER B 206 7.94 -22.04 16.20
CA SER B 206 7.93 -22.00 17.65
C SER B 206 6.60 -22.54 18.14
N GLU B 207 6.63 -23.32 19.22
CA GLU B 207 5.44 -23.97 19.74
C GLU B 207 4.57 -23.05 20.59
N MET B 208 4.93 -21.77 20.72
CA MET B 208 4.15 -20.83 21.50
C MET B 208 4.05 -19.51 20.75
N ALA B 209 2.88 -18.89 20.85
CA ALA B 209 2.60 -17.72 20.03
C ALA B 209 3.44 -16.52 20.44
N TYR B 210 3.54 -16.26 21.74
CA TYR B 210 4.31 -15.11 22.17
C TYR B 210 5.56 -15.56 22.90
N PRO B 211 6.63 -14.75 22.89
CA PRO B 211 6.80 -13.38 22.41
C PRO B 211 6.75 -13.21 20.90
N CYS B 212 6.34 -12.04 20.44
CA CYS B 212 6.34 -11.75 19.02
C CYS B 212 7.76 -11.44 18.58
N SER B 213 8.16 -11.97 17.44
CA SER B 213 9.54 -12.04 17.02
C SER B 213 9.67 -11.51 15.60
N VAL B 214 10.91 -11.30 15.16
CA VAL B 214 11.23 -10.92 13.79
C VAL B 214 12.31 -11.84 13.28
N VAL B 215 12.11 -12.40 12.09
CA VAL B 215 13.11 -13.19 11.40
C VAL B 215 13.54 -12.41 10.17
N SER B 216 14.77 -11.94 10.15
CA SER B 216 15.29 -11.20 9.01
C SER B 216 16.45 -11.96 8.39
N VAL B 217 16.77 -11.61 7.15
CA VAL B 217 17.83 -12.27 6.40
C VAL B 217 18.77 -11.18 5.91
N GLN B 218 19.85 -10.96 6.64
CA GLN B 218 20.88 -10.04 6.23
C GLN B 218 21.94 -10.76 5.39
N ASN B 219 22.77 -9.99 4.73
CA ASN B 219 23.94 -10.55 4.07
C ASN B 219 25.14 -10.52 5.01
N ILE B 220 26.23 -11.15 4.59
CA ILE B 220 27.42 -11.23 5.44
C ILE B 220 28.27 -9.98 5.35
N MET B 221 27.95 -8.97 6.16
CA MET B 221 28.77 -7.77 6.26
C MET B 221 28.69 -7.27 7.70
N CYS B 222 29.83 -6.99 8.30
CA CYS B 222 29.93 -6.90 9.76
C CYS B 222 29.02 -5.93 10.49
N PRO B 223 28.46 -4.92 9.87
CA PRO B 223 27.26 -4.35 10.49
C PRO B 223 26.13 -5.35 10.35
N VAL B 224 25.83 -6.06 11.43
CA VAL B 224 24.66 -6.94 11.47
C VAL B 224 23.60 -6.23 12.28
N TYR B 225 22.43 -6.09 11.70
CA TYR B 225 21.35 -5.31 12.29
C TYR B 225 20.46 -6.27 13.05
N ASP B 226 20.75 -6.41 14.34
CA ASP B 226 20.08 -7.38 15.19
C ASP B 226 19.44 -6.72 16.39
N LEU B 227 18.97 -5.49 16.22
CA LEU B 227 18.31 -4.75 17.27
C LEU B 227 16.91 -4.38 16.82
N ASP B 228 16.08 -4.04 17.78
CA ASP B 228 14.68 -3.73 17.48
C ASP B 228 14.57 -2.63 16.44
N HIS B 229 15.50 -1.68 16.45
CA HIS B 229 15.49 -0.55 15.54
C HIS B 229 16.39 -0.75 14.33
N ASN B 230 16.78 -1.98 14.04
CA ASN B 230 17.74 -2.26 12.97
C ASN B 230 17.29 -3.34 12.01
N VAL B 231 16.51 -4.32 12.46
CA VAL B 231 16.26 -5.50 11.66
C VAL B 231 15.47 -5.19 10.41
N GLU B 232 14.60 -4.19 10.46
CA GLU B 232 13.72 -3.88 9.35
C GLU B 232 14.35 -2.96 8.34
N PHE B 233 15.67 -2.84 8.34
CA PHE B 233 16.34 -1.85 7.53
C PHE B 233 16.92 -2.43 6.24
N ASN B 234 17.66 -3.53 6.34
CA ASN B 234 18.50 -3.95 5.23
C ASN B 234 18.41 -5.46 4.95
N GLY B 235 17.20 -5.97 4.81
CA GLY B 235 17.05 -7.34 4.35
C GLY B 235 15.62 -7.63 3.97
N VAL B 236 15.29 -8.91 3.94
CA VAL B 236 13.90 -9.36 3.96
C VAL B 236 13.60 -9.82 5.37
N TYR B 237 12.42 -9.48 5.87
CA TYR B 237 12.08 -9.81 7.24
C TYR B 237 10.61 -10.20 7.32
N GLN B 238 10.29 -10.97 8.35
CA GLN B 238 8.95 -11.45 8.58
C GLN B 238 8.69 -11.39 10.08
N SER B 239 7.56 -10.83 10.46
CA SER B 239 7.14 -10.94 11.83
C SER B 239 6.64 -12.36 12.09
N MET B 240 6.70 -12.79 13.35
CA MET B 240 6.47 -14.19 13.63
C MET B 240 5.96 -14.39 15.05
N THR B 241 4.84 -15.10 15.19
CA THR B 241 4.41 -15.60 16.49
C THR B 241 4.73 -17.08 16.65
N LYS B 242 4.21 -17.91 15.75
CA LYS B 242 4.42 -19.35 15.79
C LYS B 242 5.14 -19.91 14.59
N LYS B 243 5.10 -19.21 13.45
CA LYS B 243 5.58 -19.78 12.21
C LYS B 243 6.08 -18.66 11.31
N ALA B 244 7.11 -18.96 10.54
CA ALA B 244 7.57 -18.04 9.50
C ALA B 244 8.31 -18.85 8.45
N ALA B 245 8.26 -18.37 7.22
CA ALA B 245 8.90 -19.07 6.11
C ALA B 245 9.34 -18.05 5.08
N ILE B 246 10.64 -17.94 4.85
CA ILE B 246 11.21 -16.97 3.93
C ILE B 246 11.87 -17.70 2.77
N THR B 247 11.50 -17.35 1.55
CA THR B 247 12.00 -18.00 0.34
C THR B 247 13.13 -17.18 -0.25
N LEU B 248 14.34 -17.72 -0.21
CA LEU B 248 15.53 -17.03 -0.66
C LEU B 248 16.02 -17.65 -1.96
N GLN B 249 16.40 -16.82 -2.91
CA GLN B 249 17.08 -17.29 -4.10
C GLN B 249 18.58 -17.23 -3.90
N LYS B 250 19.31 -18.03 -4.69
CA LYS B 250 20.76 -18.05 -4.56
C LYS B 250 21.40 -16.84 -5.22
N LYS B 251 20.81 -16.34 -6.29
CA LYS B 251 21.39 -15.25 -7.05
C LYS B 251 21.19 -13.89 -6.38
N ASP B 252 20.47 -13.84 -5.27
CA ASP B 252 20.26 -12.59 -4.56
C ASP B 252 21.29 -12.35 -3.47
N PHE B 253 22.30 -13.21 -3.36
CA PHE B 253 23.27 -13.14 -2.28
C PHE B 253 24.67 -13.27 -2.84
N PRO B 254 25.43 -12.20 -2.92
CA PRO B 254 26.83 -12.32 -3.37
C PRO B 254 27.64 -13.13 -2.38
N GLY B 255 28.38 -14.10 -2.88
CA GLY B 255 29.05 -15.04 -2.01
C GLY B 255 28.20 -16.21 -1.59
N GLU B 256 26.93 -16.25 -1.99
CA GLU B 256 26.02 -17.38 -1.79
C GLU B 256 25.98 -17.85 -0.34
N GLN B 257 25.85 -16.90 0.58
CA GLN B 257 25.57 -17.23 1.97
C GLN B 257 24.92 -16.03 2.62
N PHE B 258 24.22 -16.27 3.73
CA PHE B 258 23.49 -15.20 4.38
C PHE B 258 23.44 -15.43 5.88
N PHE B 259 23.02 -14.39 6.59
CA PHE B 259 22.78 -14.43 8.02
C PHE B 259 21.28 -14.42 8.24
N VAL B 260 20.78 -15.33 9.05
CA VAL B 260 19.39 -15.34 9.47
C VAL B 260 19.35 -14.91 10.93
N VAL B 261 18.56 -13.87 11.21
CA VAL B 261 18.63 -13.11 12.46
C VAL B 261 17.28 -13.18 13.15
N PHE B 262 17.29 -13.54 14.42
CA PHE B 262 16.09 -13.67 15.23
C PHE B 262 16.15 -12.61 16.32
N VAL B 263 15.15 -11.74 16.32
CA VAL B 263 15.10 -10.59 17.22
C VAL B 263 13.73 -10.60 17.89
N ILE B 264 13.72 -10.75 19.20
CA ILE B 264 12.48 -10.84 19.95
C ILE B 264 12.05 -9.45 20.35
N LYS B 265 10.83 -9.08 20.02
CA LYS B 265 10.34 -7.75 20.32
C LYS B 265 10.06 -7.61 21.81
N PRO B 266 10.09 -6.39 22.34
CA PRO B 266 9.77 -6.21 23.76
C PRO B 266 8.29 -6.25 24.06
N GLU B 267 7.41 -6.04 23.09
CA GLU B 267 5.98 -6.14 23.30
C GLU B 267 5.35 -6.77 22.09
N ASP B 268 4.12 -7.25 22.25
CA ASP B 268 3.43 -8.00 21.21
C ASP B 268 2.28 -7.13 20.69
N TYR B 269 2.62 -6.16 19.87
CA TYR B 269 1.62 -5.28 19.29
C TYR B 269 1.52 -5.40 17.79
N ALA B 270 2.63 -5.55 17.11
CA ALA B 270 2.59 -6.00 15.72
C ALA B 270 2.12 -7.44 15.63
N CYS B 271 1.94 -8.08 16.79
CA CYS B 271 1.40 -9.43 16.90
C CYS B 271 0.39 -8.82 17.85
N GLY B 272 -0.70 -9.53 18.01
CA GLY B 272 -1.69 -9.04 18.91
C GLY B 272 -2.03 -8.77 20.35
N GLY B 273 -1.30 -9.30 21.33
CA GLY B 273 -1.94 -9.33 22.65
C GLY B 273 -1.28 -8.30 23.55
N SER B 274 -0.29 -7.58 23.01
CA SER B 274 0.13 -6.29 23.53
C SER B 274 1.08 -6.46 24.71
N PHE B 275 1.13 -7.64 25.32
CA PHE B 275 2.22 -8.04 26.21
C PHE B 275 1.91 -9.50 26.47
N PHE B 276 2.91 -10.28 26.85
CA PHE B 276 2.72 -11.67 27.22
C PHE B 276 4.03 -12.08 27.87
N ILE B 277 3.98 -12.40 29.16
CA ILE B 277 5.11 -13.07 29.79
C ILE B 277 4.59 -14.17 30.71
N GLN B 278 4.73 -15.42 30.26
CA GLN B 278 4.67 -16.59 31.11
C GLN B 278 6.06 -17.12 31.43
N GLU B 279 7.05 -16.84 30.57
CA GLU B 279 8.42 -17.30 30.80
C GLU B 279 8.94 -16.88 32.17
N LYS B 280 8.71 -15.63 32.56
CA LYS B 280 9.15 -15.13 33.85
C LYS B 280 8.02 -14.38 34.53
N GLU B 281 7.45 -14.99 35.58
CA GLU B 281 6.28 -14.45 36.24
C GLU B 281 6.56 -13.07 36.83
N ASN B 282 7.65 -12.95 37.59
CA ASN B 282 8.05 -11.67 38.13
C ASN B 282 8.98 -10.98 37.14
N GLN B 283 8.46 -9.98 36.44
CA GLN B 283 9.19 -9.44 35.29
C GLN B 283 10.17 -8.35 35.69
N THR B 284 9.79 -7.42 36.57
CA THR B 284 10.76 -6.44 37.03
C THR B 284 11.93 -7.11 37.76
N TRP B 285 11.69 -8.27 38.36
CA TRP B 285 12.76 -9.01 39.01
C TRP B 285 13.76 -9.55 37.98
N ASN B 286 13.27 -10.41 37.09
CA ASN B 286 14.10 -11.00 36.04
C ASN B 286 13.19 -11.25 34.84
N LEU B 287 13.16 -10.28 33.93
CA LEU B 287 12.30 -10.34 32.74
C LEU B 287 13.06 -11.08 31.67
N GLN B 288 12.53 -12.21 31.22
CA GLN B 288 13.14 -12.98 30.15
C GLN B 288 12.02 -13.45 29.23
N ARG B 289 11.68 -12.67 28.22
CA ARG B 289 10.73 -13.11 27.22
C ARG B 289 11.48 -14.09 26.32
N LYS B 290 11.64 -15.30 26.82
CA LYS B 290 12.49 -16.29 26.18
C LYS B 290 11.67 -17.04 25.13
N LYS B 291 11.99 -16.81 23.87
CA LYS B 291 11.31 -17.47 22.76
C LYS B 291 12.16 -18.65 22.31
N ASN B 292 11.56 -19.84 22.32
CA ASN B 292 12.20 -21.06 21.86
C ASN B 292 11.92 -21.25 20.37
N LEU B 293 12.96 -21.44 19.59
CA LEU B 293 12.82 -21.47 18.14
C LEU B 293 13.49 -22.73 17.60
N GLU B 294 12.94 -23.23 16.49
CA GLU B 294 13.59 -24.25 15.70
C GLU B 294 13.59 -23.78 14.26
N VAL B 295 14.76 -23.74 13.65
CA VAL B 295 14.92 -23.29 12.28
C VAL B 295 15.39 -24.46 11.43
N THR B 296 14.78 -24.62 10.26
CA THR B 296 15.19 -25.61 9.27
C THR B 296 15.25 -24.91 7.93
N ILE B 297 16.36 -25.05 7.23
CA ILE B 297 16.54 -24.41 5.94
C ILE B 297 16.39 -25.49 4.88
N VAL B 298 15.18 -25.64 4.35
CA VAL B 298 14.84 -26.70 3.42
C VAL B 298 15.16 -26.25 2.01
N PRO B 299 15.68 -27.12 1.13
CA PRO B 299 15.78 -26.75 -0.28
C PRO B 299 14.41 -26.50 -0.88
N SER B 300 14.34 -26.11 -2.14
CA SER B 300 13.06 -25.85 -2.78
C SER B 300 12.77 -26.91 -3.82
N ILE B 301 11.65 -26.74 -4.50
CA ILE B 301 11.23 -27.67 -5.53
C ILE B 301 11.91 -27.32 -6.84
N LYS B 302 12.29 -28.35 -7.59
CA LYS B 302 12.94 -28.14 -8.87
C LYS B 302 11.95 -27.60 -9.90
N GLU B 303 12.47 -27.25 -11.07
CA GLU B 303 11.61 -26.70 -12.12
C GLU B 303 10.71 -27.75 -12.74
N SER B 304 11.08 -29.03 -12.64
CA SER B 304 10.20 -30.08 -13.13
C SER B 304 8.84 -30.05 -12.43
N VAL B 305 8.84 -29.70 -11.14
CA VAL B 305 7.57 -29.57 -10.43
C VAL B 305 6.75 -28.44 -11.04
N TYR B 306 7.40 -27.31 -11.34
CA TYR B 306 6.70 -26.22 -11.99
C TYR B 306 6.04 -26.69 -13.28
N VAL B 307 6.82 -27.35 -14.14
CA VAL B 307 6.31 -27.65 -15.47
C VAL B 307 5.22 -28.71 -15.40
N LYS B 308 5.36 -29.72 -14.54
CA LYS B 308 4.36 -30.77 -14.53
C LYS B 308 3.10 -30.36 -13.79
N SER B 309 3.18 -29.44 -12.83
CA SER B 309 1.95 -28.93 -12.25
C SER B 309 1.22 -28.00 -13.21
N SER B 310 1.97 -27.15 -13.93
CA SER B 310 1.34 -26.33 -14.95
C SER B 310 0.64 -27.18 -16.01
N LEU B 311 1.32 -28.21 -16.51
CA LEU B 311 0.70 -29.10 -17.48
C LEU B 311 -0.51 -29.80 -16.89
N PHE B 312 -0.40 -30.29 -15.66
CA PHE B 312 -1.53 -30.94 -15.02
C PHE B 312 -2.75 -30.04 -15.06
N SER B 313 -2.61 -28.81 -14.61
CA SER B 313 -3.76 -27.91 -14.58
C SER B 313 -4.34 -27.68 -15.97
N VAL B 314 -3.49 -27.23 -16.91
CA VAL B 314 -4.03 -26.84 -18.21
C VAL B 314 -4.66 -28.04 -18.91
N PHE B 315 -4.09 -29.23 -18.75
CA PHE B 315 -4.64 -30.39 -19.43
C PHE B 315 -5.88 -30.93 -18.74
N ILE B 316 -5.93 -30.88 -17.41
CA ILE B 316 -7.12 -31.35 -16.73
C ILE B 316 -8.28 -30.42 -16.99
N PHE B 317 -8.03 -29.20 -17.46
CA PHE B 317 -9.16 -28.37 -17.84
C PHE B 317 -9.46 -28.37 -19.34
N LEU B 318 -8.47 -28.63 -20.19
CA LEU B 318 -8.78 -28.84 -21.61
C LEU B 318 -9.38 -30.22 -21.86
N SER B 319 -9.36 -31.11 -20.88
CA SER B 319 -10.12 -32.35 -21.01
C SER B 319 -11.61 -32.09 -21.10
N PHE B 320 -12.09 -31.01 -20.47
CA PHE B 320 -13.50 -30.66 -20.62
C PHE B 320 -13.82 -30.29 -22.06
N TYR B 321 -12.94 -29.53 -22.71
CA TYR B 321 -13.08 -29.25 -24.14
C TYR B 321 -13.08 -30.53 -24.95
N LEU B 322 -12.05 -31.35 -24.76
CA LEU B 322 -11.93 -32.59 -25.52
C LEU B 322 -13.05 -33.56 -25.22
N GLY B 323 -13.80 -33.36 -24.14
CA GLY B 323 -14.92 -34.23 -23.86
C GLY B 323 -16.23 -33.72 -24.40
N CYS B 324 -16.52 -32.44 -24.15
CA CYS B 324 -17.73 -31.85 -24.72
C CYS B 324 -17.71 -31.87 -26.24
N LEU B 325 -16.53 -31.76 -26.85
CA LEU B 325 -16.47 -31.90 -28.30
C LEU B 325 -17.00 -33.25 -28.75
N LEU B 326 -16.57 -34.33 -28.08
CA LEU B 326 -17.03 -35.66 -28.46
C LEU B 326 -18.51 -35.85 -28.12
N VAL B 327 -18.96 -35.32 -26.98
CA VAL B 327 -20.37 -35.42 -26.61
C VAL B 327 -21.24 -34.75 -27.67
N GLY B 328 -20.82 -33.58 -28.14
CA GLY B 328 -21.64 -32.83 -29.08
C GLY B 328 -21.51 -33.31 -30.51
N PHE B 329 -20.46 -34.06 -30.83
CA PHE B 329 -20.23 -34.46 -32.21
C PHE B 329 -20.40 -35.94 -32.47
N VAL B 330 -20.29 -36.79 -31.45
CA VAL B 330 -20.53 -38.22 -31.68
C VAL B 330 -22.02 -38.51 -31.77
N HIS B 331 -22.83 -37.85 -30.94
CA HIS B 331 -24.28 -37.98 -31.02
C HIS B 331 -24.89 -37.05 -32.07
N TYR B 332 -24.09 -36.17 -32.65
CA TYR B 332 -24.53 -35.24 -33.71
C TYR B 332 -25.71 -34.38 -33.27
N LYS B 442 -25.32 -9.34 -29.16
CA LYS B 442 -26.29 -8.56 -28.39
C LYS B 442 -25.68 -7.24 -27.93
N ILE B 443 -26.54 -6.34 -27.45
CA ILE B 443 -26.06 -5.12 -26.83
C ILE B 443 -25.69 -5.36 -25.37
N TYR B 444 -26.45 -6.23 -24.70
CA TYR B 444 -26.17 -6.54 -23.29
C TYR B 444 -24.79 -7.13 -23.13
N PHE B 445 -24.39 -8.02 -24.04
CA PHE B 445 -23.10 -8.68 -23.92
C PHE B 445 -21.96 -7.69 -23.98
N TRP B 446 -21.99 -6.77 -24.95
CA TRP B 446 -20.90 -5.82 -25.09
C TRP B 446 -20.94 -4.77 -24.00
N ASN B 447 -22.12 -4.45 -23.47
CA ASN B 447 -22.18 -3.66 -22.26
C ASN B 447 -21.40 -4.33 -21.14
N ILE B 448 -21.63 -5.64 -20.94
CA ILE B 448 -20.99 -6.32 -19.83
C ILE B 448 -19.48 -6.42 -20.04
N ILE B 449 -19.04 -6.63 -21.28
CA ILE B 449 -17.59 -6.67 -21.53
C ILE B 449 -16.96 -5.31 -21.30
N THR B 450 -17.62 -4.24 -21.74
CA THR B 450 -17.08 -2.90 -21.49
C THR B 450 -16.98 -2.61 -20.00
N ILE B 451 -17.96 -3.05 -19.24
CA ILE B 451 -17.89 -2.91 -17.79
C ILE B 451 -16.77 -3.73 -17.21
N ALA B 452 -16.58 -4.96 -17.71
CA ALA B 452 -15.61 -5.86 -17.11
C ALA B 452 -14.18 -5.40 -17.37
N VAL B 453 -13.89 -4.99 -18.60
CA VAL B 453 -12.52 -4.60 -18.91
C VAL B 453 -12.08 -3.41 -18.07
N PHE B 454 -12.95 -2.42 -17.93
CA PHE B 454 -12.61 -1.19 -17.23
C PHE B 454 -12.85 -1.29 -15.74
N TYR B 455 -13.43 -2.38 -15.25
CA TYR B 455 -13.32 -2.68 -13.84
C TYR B 455 -12.05 -3.44 -13.54
N ALA B 456 -11.59 -4.29 -14.45
CA ALA B 456 -10.42 -5.12 -14.20
C ALA B 456 -9.12 -4.37 -14.35
N LEU B 457 -9.04 -3.38 -15.24
CA LEU B 457 -7.76 -2.72 -15.50
C LEU B 457 -7.16 -2.03 -14.27
N PRO B 458 -7.87 -1.14 -13.56
CA PRO B 458 -7.24 -0.51 -12.41
C PRO B 458 -6.86 -1.49 -11.32
N VAL B 459 -7.56 -2.61 -11.19
CA VAL B 459 -7.19 -3.59 -10.17
C VAL B 459 -5.90 -4.30 -10.56
N ILE B 460 -5.73 -4.59 -11.84
CA ILE B 460 -4.48 -5.17 -12.29
C ILE B 460 -3.33 -4.22 -12.00
N GLN B 461 -3.51 -2.93 -12.30
CA GLN B 461 -2.45 -1.97 -12.01
C GLN B 461 -2.17 -1.88 -10.51
N LEU B 462 -3.22 -1.89 -9.70
CA LEU B 462 -3.06 -1.82 -8.25
C LEU B 462 -2.21 -2.97 -7.74
N VAL B 463 -2.55 -4.20 -8.12
CA VAL B 463 -1.84 -5.33 -7.54
C VAL B 463 -0.45 -5.46 -8.13
N ILE B 464 -0.25 -5.01 -9.37
CA ILE B 464 1.10 -4.94 -9.91
C ILE B 464 1.97 -4.04 -9.05
N THR B 465 1.43 -2.88 -8.67
CA THR B 465 2.17 -1.98 -7.80
C THR B 465 2.44 -2.60 -6.44
N TYR B 466 1.45 -3.27 -5.85
CA TYR B 466 1.66 -3.94 -4.57
C TYR B 466 2.80 -4.94 -4.66
N GLN B 467 2.79 -5.77 -5.71
CA GLN B 467 3.83 -6.78 -5.87
C GLN B 467 5.20 -6.15 -6.02
N THR B 468 5.29 -5.08 -6.81
CA THR B 468 6.58 -4.39 -6.95
C THR B 468 7.08 -3.85 -5.63
N VAL B 469 6.19 -3.24 -4.86
CA VAL B 469 6.57 -2.69 -3.55
C VAL B 469 7.09 -3.80 -2.65
N VAL B 470 6.40 -4.94 -2.62
CA VAL B 470 6.86 -6.03 -1.77
C VAL B 470 8.20 -6.57 -2.24
N ASN B 471 8.46 -6.51 -3.55
CA ASN B 471 9.74 -6.98 -4.05
C ASN B 471 10.88 -6.07 -3.64
N VAL B 472 10.77 -4.77 -3.89
CA VAL B 472 11.90 -3.88 -3.62
C VAL B 472 12.12 -3.73 -2.12
N THR B 473 11.05 -3.65 -1.35
CA THR B 473 11.14 -3.58 0.09
C THR B 473 11.32 -4.99 0.65
N GLY B 474 12.02 -5.10 1.76
CA GLY B 474 12.06 -6.42 2.34
C GLY B 474 10.86 -6.80 3.16
N ASN B 475 9.87 -5.91 3.25
CA ASN B 475 8.71 -6.13 4.10
C ASN B 475 7.86 -7.23 3.50
N GLN B 476 7.80 -8.37 4.18
CA GLN B 476 6.93 -9.47 3.79
C GLN B 476 5.74 -9.58 4.71
N ASP B 477 5.29 -8.45 5.24
CA ASP B 477 4.05 -8.36 5.99
C ASP B 477 2.99 -7.58 5.23
N ILE B 478 3.22 -7.32 3.95
CA ILE B 478 2.25 -6.61 3.12
C ILE B 478 1.29 -7.59 2.46
N CYS B 479 1.79 -8.67 1.90
CA CYS B 479 0.98 -9.69 1.27
C CYS B 479 0.74 -10.83 2.24
N TYR B 480 -0.50 -11.32 2.29
CA TYR B 480 -0.86 -12.43 3.16
C TYR B 480 -0.91 -13.73 2.36
N TYR B 481 0.28 -14.23 2.04
CA TYR B 481 0.40 -15.46 1.29
C TYR B 481 0.27 -16.66 2.19
N ASN B 482 0.29 -17.84 1.57
CA ASN B 482 0.56 -19.09 2.25
C ASN B 482 2.05 -19.31 2.06
N PHE B 483 2.85 -18.81 2.99
CA PHE B 483 4.28 -18.76 2.79
C PHE B 483 4.93 -20.13 2.73
N LEU B 484 4.19 -21.18 3.08
CA LEU B 484 4.70 -22.54 3.01
C LEU B 484 4.36 -23.25 1.72
N CYS B 485 3.43 -22.71 0.93
CA CYS B 485 3.21 -23.15 -0.46
C CYS B 485 3.07 -21.88 -1.28
N ALA B 486 4.18 -21.31 -1.70
CA ALA B 486 4.16 -20.05 -2.43
C ALA B 486 5.40 -20.05 -3.30
N HIS B 487 5.22 -20.32 -4.59
CA HIS B 487 6.33 -20.55 -5.49
C HIS B 487 6.46 -19.39 -6.45
N PRO B 488 7.57 -18.66 -6.43
CA PRO B 488 7.73 -17.54 -7.35
C PRO B 488 8.14 -18.04 -8.73
N LEU B 489 7.70 -17.31 -9.75
CA LEU B 489 8.16 -17.59 -11.10
C LEU B 489 9.00 -16.46 -11.66
N GLY B 490 8.44 -15.27 -11.74
CA GLY B 490 9.22 -14.10 -12.08
C GLY B 490 9.20 -13.16 -10.92
N VAL B 491 8.35 -12.15 -11.01
CA VAL B 491 8.09 -11.23 -9.91
C VAL B 491 6.90 -11.68 -9.07
N LEU B 492 6.34 -12.85 -9.36
CA LEU B 492 5.00 -13.17 -8.88
C LEU B 492 4.99 -13.46 -7.38
N SER B 493 5.96 -14.24 -6.90
CA SER B 493 6.15 -14.54 -5.49
C SER B 493 5.12 -15.49 -4.93
N ALA B 494 4.04 -15.75 -5.66
CA ALA B 494 3.17 -16.89 -5.41
C ALA B 494 2.50 -17.21 -6.73
N PHE B 495 3.09 -18.12 -7.48
CA PHE B 495 2.62 -18.43 -8.81
C PHE B 495 1.61 -19.55 -8.82
N ASN B 496 1.64 -20.42 -7.80
CA ASN B 496 0.73 -21.54 -7.77
C ASN B 496 -0.71 -21.09 -7.55
N ASN B 497 -0.94 -20.17 -6.63
CA ASN B 497 -2.31 -19.74 -6.39
C ASN B 497 -2.80 -18.68 -7.37
N ILE B 498 -2.00 -18.35 -8.37
CA ILE B 498 -2.47 -17.64 -9.55
C ILE B 498 -2.79 -18.59 -10.68
N LEU B 499 -1.88 -19.52 -10.98
CA LEU B 499 -2.18 -20.59 -11.92
C LEU B 499 -3.41 -21.35 -11.50
N SER B 500 -3.68 -21.40 -10.20
CA SER B 500 -4.83 -22.15 -9.71
C SER B 500 -6.14 -21.58 -10.24
N ASN B 501 -6.18 -20.30 -10.52
CA ASN B 501 -7.37 -19.68 -11.08
C ASN B 501 -7.52 -19.92 -12.57
N LEU B 502 -6.76 -20.86 -13.13
CA LEU B 502 -6.97 -21.21 -14.52
C LEU B 502 -8.35 -21.80 -14.75
N GLY B 503 -8.95 -22.38 -13.72
CA GLY B 503 -10.25 -22.99 -13.84
C GLY B 503 -11.27 -22.06 -14.42
N HIS B 504 -11.63 -21.03 -13.66
CA HIS B 504 -12.66 -20.09 -14.10
C HIS B 504 -12.39 -19.60 -15.52
N VAL B 505 -11.21 -19.05 -15.75
CA VAL B 505 -10.91 -18.43 -17.04
C VAL B 505 -11.10 -19.43 -18.18
N LEU B 506 -10.73 -20.69 -17.97
CA LEU B 506 -10.90 -21.64 -19.08
C LEU B 506 -12.34 -22.14 -19.17
N LEU B 507 -12.99 -22.31 -18.04
CA LEU B 507 -14.21 -23.09 -17.99
C LEU B 507 -15.45 -22.22 -18.14
N GLY B 508 -15.42 -20.99 -17.64
CA GLY B 508 -16.41 -20.02 -18.01
C GLY B 508 -16.38 -19.65 -19.48
N PHE B 509 -15.21 -19.72 -20.09
CA PHE B 509 -15.16 -19.49 -21.53
C PHE B 509 -15.66 -20.69 -22.32
N LEU B 510 -15.38 -21.92 -21.87
CA LEU B 510 -16.04 -23.05 -22.51
C LEU B 510 -17.54 -22.98 -22.33
N PHE B 511 -18.00 -22.47 -21.19
CA PHE B 511 -19.44 -22.29 -21.02
C PHE B 511 -19.98 -21.23 -21.96
N LEU B 512 -19.21 -20.16 -22.19
CA LEU B 512 -19.63 -19.17 -23.17
C LEU B 512 -19.75 -19.81 -24.55
N LEU B 513 -18.81 -20.66 -24.91
CA LEU B 513 -18.93 -21.35 -26.19
C LEU B 513 -20.19 -22.21 -26.26
N ILE B 514 -20.50 -22.90 -25.17
CA ILE B 514 -21.68 -23.77 -25.18
C ILE B 514 -22.95 -22.94 -25.34
N VAL B 515 -23.10 -21.89 -24.54
CA VAL B 515 -24.28 -21.05 -24.63
C VAL B 515 -24.38 -20.40 -25.99
N LEU B 516 -23.24 -20.00 -26.56
CA LEU B 516 -23.24 -19.37 -27.86
C LEU B 516 -23.67 -20.33 -28.96
N ARG B 517 -23.20 -21.59 -28.90
CA ARG B 517 -23.67 -22.56 -29.89
C ARG B 517 -25.16 -22.78 -29.77
N ARG B 518 -25.63 -23.02 -28.55
CA ARG B 518 -27.06 -23.17 -28.34
C ARG B 518 -27.83 -21.99 -28.89
N ASP B 519 -27.29 -20.79 -28.69
CA ASP B 519 -28.00 -19.57 -29.06
C ASP B 519 -28.06 -19.39 -30.56
N ILE B 520 -26.95 -19.64 -31.26
CA ILE B 520 -26.99 -19.44 -32.71
C ILE B 520 -27.78 -20.57 -33.37
N LEU B 521 -27.80 -21.76 -32.77
CA LEU B 521 -28.67 -22.80 -33.31
C LEU B 521 -30.13 -22.43 -33.12
N HIS B 522 -30.46 -21.80 -32.00
CA HIS B 522 -31.82 -21.30 -31.81
C HIS B 522 -32.15 -20.21 -32.81
N ARG B 523 -31.21 -19.30 -33.06
CA ARG B 523 -31.42 -18.26 -34.07
C ARG B 523 -31.68 -18.88 -35.44
N ARG B 524 -30.91 -19.90 -35.80
CA ARG B 524 -31.16 -20.64 -37.02
C ARG B 524 -32.59 -21.18 -37.04
N ALA B 525 -32.92 -22.04 -36.08
CA ALA B 525 -34.23 -22.67 -36.05
C ALA B 525 -35.37 -21.67 -35.91
N LEU B 526 -35.08 -20.42 -35.58
CA LEU B 526 -36.12 -19.41 -35.44
C LEU B 526 -36.32 -18.59 -36.71
N GLU B 527 -35.27 -17.94 -37.22
CA GLU B 527 -35.42 -17.14 -38.42
C GLU B 527 -35.58 -18.00 -39.66
N ALA B 528 -35.25 -19.29 -39.59
CA ALA B 528 -35.38 -20.16 -40.75
C ALA B 528 -36.79 -20.73 -40.89
N LYS B 529 -37.47 -20.97 -39.77
CA LYS B 529 -38.79 -21.59 -39.77
C LYS B 529 -38.79 -22.90 -40.55
N LYS B 540 -35.66 -18.71 -23.60
CA LYS B 540 -34.48 -18.61 -22.76
C LYS B 540 -33.94 -17.18 -22.73
N HIS B 541 -33.27 -16.83 -21.64
CA HIS B 541 -32.69 -15.50 -21.48
C HIS B 541 -31.18 -15.57 -21.68
N PHE B 542 -30.78 -15.94 -22.91
CA PHE B 542 -29.37 -16.19 -23.19
C PHE B 542 -28.46 -15.04 -22.77
N GLY B 543 -28.99 -13.83 -22.62
CA GLY B 543 -28.19 -12.76 -22.06
C GLY B 543 -27.79 -13.05 -20.63
N LEU B 544 -28.67 -13.70 -19.87
CA LEU B 544 -28.34 -14.06 -18.49
C LEU B 544 -27.20 -15.09 -18.46
N PHE B 545 -27.21 -16.05 -19.38
CA PHE B 545 -26.14 -17.04 -19.40
C PHE B 545 -24.83 -16.45 -19.89
N TYR B 546 -24.89 -15.49 -20.82
CA TYR B 546 -23.67 -14.78 -21.17
C TYR B 546 -23.13 -14.03 -19.96
N ALA B 547 -24.01 -13.43 -19.17
CA ALA B 547 -23.57 -12.77 -17.96
C ALA B 547 -22.95 -13.77 -16.99
N MET B 548 -23.52 -14.96 -16.89
CA MET B 548 -22.97 -16.00 -16.01
C MET B 548 -21.56 -16.37 -16.42
N GLY B 549 -21.35 -16.60 -17.71
CA GLY B 549 -20.02 -16.96 -18.17
C GLY B 549 -19.01 -15.86 -17.97
N ILE B 550 -19.41 -14.61 -18.23
CA ILE B 550 -18.48 -13.50 -18.00
C ILE B 550 -18.20 -13.32 -16.53
N ALA B 551 -19.18 -13.58 -15.67
CA ALA B 551 -18.94 -13.51 -14.24
C ALA B 551 -17.98 -14.59 -13.78
N LEU B 552 -18.05 -15.79 -14.35
CA LEU B 552 -17.07 -16.81 -14.02
C LEU B 552 -15.67 -16.39 -14.47
N MET B 553 -15.53 -15.95 -15.73
CA MET B 553 -14.23 -15.56 -16.21
C MET B 553 -13.66 -14.40 -15.41
N MET B 554 -14.51 -13.48 -14.97
CA MET B 554 -14.01 -12.34 -14.23
C MET B 554 -13.75 -12.67 -12.77
N GLU B 555 -14.45 -13.64 -12.21
CA GLU B 555 -14.03 -14.15 -10.91
C GLU B 555 -12.63 -14.75 -11.01
N GLY B 556 -12.37 -15.51 -12.06
CA GLY B 556 -11.02 -16.03 -12.26
C GLY B 556 -9.98 -14.93 -12.37
N VAL B 557 -10.25 -13.93 -13.21
CA VAL B 557 -9.29 -12.85 -13.42
C VAL B 557 -9.07 -12.05 -12.14
N LEU B 558 -10.14 -11.58 -11.52
CA LEU B 558 -10.00 -10.74 -10.35
C LEU B 558 -9.49 -11.52 -9.15
N SER B 559 -9.70 -12.83 -9.13
CA SER B 559 -9.14 -13.65 -8.08
C SER B 559 -7.64 -13.82 -8.27
N ALA B 560 -7.18 -13.98 -9.49
CA ALA B 560 -5.74 -14.01 -9.71
C ALA B 560 -5.13 -12.67 -9.32
N CYS B 561 -5.79 -11.57 -9.66
CA CYS B 561 -5.29 -10.26 -9.24
C CYS B 561 -5.22 -10.15 -7.73
N TYR B 562 -6.23 -10.65 -7.02
CA TYR B 562 -6.15 -10.64 -5.57
C TYR B 562 -4.97 -11.47 -5.08
N HIS B 563 -4.80 -12.66 -5.64
CA HIS B 563 -3.75 -13.57 -5.22
C HIS B 563 -2.38 -13.17 -5.73
N VAL B 564 -2.26 -12.03 -6.38
CA VAL B 564 -0.95 -11.43 -6.56
C VAL B 564 -0.42 -10.92 -5.23
N CYS B 565 -1.24 -10.21 -4.47
CA CYS B 565 -0.88 -9.76 -3.13
C CYS B 565 -2.16 -9.59 -2.31
N PRO B 566 -2.48 -10.55 -1.45
CA PRO B 566 -3.71 -10.44 -0.65
C PRO B 566 -3.54 -9.48 0.52
N ASN B 567 -4.48 -8.55 0.66
CA ASN B 567 -4.41 -7.53 1.68
C ASN B 567 -5.78 -7.34 2.31
N TYR B 568 -5.84 -6.41 3.26
CA TYR B 568 -7.09 -5.87 3.77
C TYR B 568 -7.63 -4.74 2.91
N SER B 569 -6.89 -4.35 1.88
CA SER B 569 -7.38 -3.37 0.92
C SER B 569 -7.56 -3.97 -0.47
N ASN B 570 -7.16 -5.21 -0.68
CA ASN B 570 -7.06 -5.80 -1.99
C ASN B 570 -8.20 -6.75 -2.31
N PHE B 571 -8.89 -7.25 -1.30
CA PHE B 571 -10.11 -8.00 -1.52
C PHE B 571 -11.17 -6.97 -1.81
N GLN B 572 -12.43 -7.34 -1.94
CA GLN B 572 -13.54 -6.41 -1.98
C GLN B 572 -13.69 -5.92 -3.42
N PHE B 573 -12.79 -6.30 -4.32
CA PHE B 573 -12.89 -5.87 -5.70
C PHE B 573 -13.62 -6.89 -6.55
N ASP B 574 -13.25 -8.16 -6.43
CA ASP B 574 -13.96 -9.20 -7.16
C ASP B 574 -15.37 -9.39 -6.61
N THR B 575 -15.56 -9.28 -5.30
CA THR B 575 -16.91 -9.41 -4.77
C THR B 575 -17.78 -8.23 -5.16
N SER B 576 -17.20 -7.03 -5.30
CA SER B 576 -17.99 -5.92 -5.78
C SER B 576 -18.37 -6.09 -7.25
N PHE B 577 -17.49 -6.68 -8.05
CA PHE B 577 -17.87 -6.96 -9.43
C PHE B 577 -19.00 -7.98 -9.49
N MET B 578 -18.98 -8.98 -8.63
CA MET B 578 -20.08 -9.94 -8.62
C MET B 578 -21.37 -9.29 -8.21
N TYR B 579 -21.33 -8.35 -7.25
CA TYR B 579 -22.53 -7.61 -6.89
C TYR B 579 -23.03 -6.76 -8.05
N MET B 580 -22.11 -6.13 -8.77
CA MET B 580 -22.49 -5.32 -9.92
C MET B 580 -23.17 -6.16 -10.98
N ILE B 581 -22.60 -7.31 -11.30
CA ILE B 581 -23.19 -8.15 -12.33
C ILE B 581 -24.54 -8.70 -11.86
N ALA B 582 -24.64 -9.05 -10.58
CA ALA B 582 -25.93 -9.46 -10.05
C ALA B 582 -26.97 -8.38 -10.22
N GLY B 583 -26.67 -7.15 -9.81
CA GLY B 583 -27.61 -6.05 -9.95
C GLY B 583 -28.00 -5.77 -11.38
N LEU B 584 -27.04 -5.83 -12.30
CA LEU B 584 -27.37 -5.59 -13.70
C LEU B 584 -28.27 -6.68 -14.25
N CYS B 585 -28.00 -7.93 -13.88
CA CYS B 585 -28.86 -9.02 -14.33
C CYS B 585 -30.26 -8.89 -13.77
N MET B 586 -30.39 -8.46 -12.51
CA MET B 586 -31.73 -8.36 -11.96
C MET B 586 -32.49 -7.16 -12.52
N LEU B 587 -31.79 -6.10 -12.89
CA LEU B 587 -32.49 -5.02 -13.59
C LEU B 587 -33.02 -5.51 -14.94
N LYS B 588 -32.16 -6.13 -15.74
CA LYS B 588 -32.58 -6.62 -17.04
C LYS B 588 -33.61 -7.75 -16.93
N LEU B 589 -33.64 -8.47 -15.82
CA LEU B 589 -34.67 -9.50 -15.65
C LEU B 589 -36.00 -8.89 -15.25
N TYR B 590 -35.99 -8.01 -14.25
CA TYR B 590 -37.23 -7.44 -13.77
C TYR B 590 -37.89 -6.56 -14.79
N GLN B 591 -37.13 -5.97 -15.73
CA GLN B 591 -37.79 -5.11 -16.70
C GLN B 591 -38.69 -5.90 -17.65
N THR B 592 -38.38 -7.17 -17.87
CA THR B 592 -39.18 -8.02 -18.74
C THR B 592 -40.23 -8.82 -17.98
N ARG B 593 -40.41 -8.53 -16.68
CA ARG B 593 -41.41 -9.21 -15.88
C ARG B 593 -42.00 -8.25 -14.84
N ALA B 606 -37.46 -2.89 -5.53
CA ALA B 606 -36.65 -2.29 -4.47
C ALA B 606 -35.80 -3.34 -3.77
N SER B 607 -36.22 -4.62 -3.88
CA SER B 607 -35.45 -5.69 -3.27
C SER B 607 -34.04 -5.76 -3.85
N PHE B 608 -33.88 -5.34 -5.11
CA PHE B 608 -32.55 -5.20 -5.67
C PHE B 608 -31.72 -4.17 -4.90
N ALA B 609 -32.31 -3.00 -4.64
CA ALA B 609 -31.61 -1.99 -3.85
C ALA B 609 -31.55 -2.39 -2.38
N VAL B 610 -32.45 -3.27 -1.93
CA VAL B 610 -32.43 -3.72 -0.55
C VAL B 610 -31.12 -4.43 -0.24
N VAL B 611 -30.66 -5.27 -1.15
CA VAL B 611 -29.33 -5.86 -0.99
C VAL B 611 -28.24 -4.82 -1.15
N ILE B 612 -28.43 -3.85 -2.05
CA ILE B 612 -27.43 -2.80 -2.26
C ILE B 612 -27.27 -1.96 -1.00
N MET B 613 -28.37 -1.70 -0.29
CA MET B 613 -28.28 -0.95 0.95
C MET B 613 -27.66 -1.78 2.07
N VAL B 614 -27.86 -3.10 2.04
CA VAL B 614 -27.20 -3.96 3.02
C VAL B 614 -25.74 -4.19 2.65
N THR B 615 -25.47 -4.50 1.39
CA THR B 615 -24.10 -4.71 0.95
C THR B 615 -23.26 -3.43 0.96
N VAL B 616 -23.86 -2.30 1.31
CA VAL B 616 -23.13 -1.05 1.48
C VAL B 616 -23.11 -0.52 2.89
N LEU B 617 -24.14 -0.84 3.70
CA LEU B 617 -24.18 -0.35 5.07
C LEU B 617 -23.14 -1.06 5.93
N GLY B 618 -23.24 -2.37 6.04
CA GLY B 618 -22.26 -3.14 6.80
C GLY B 618 -20.99 -3.42 6.02
N VAL B 619 -20.78 -2.72 4.89
CA VAL B 619 -19.51 -2.83 4.17
C VAL B 619 -18.35 -2.57 5.13
N VAL B 620 -18.37 -1.41 5.79
CA VAL B 620 -17.54 -1.14 6.96
C VAL B 620 -18.43 -0.56 8.03
N PHE B 621 -19.13 -1.45 8.76
CA PHE B 621 -19.89 -1.06 9.94
C PHE B 621 -19.48 -1.85 11.17
N GLY B 622 -19.39 -3.18 11.06
CA GLY B 622 -19.03 -4.03 12.18
C GLY B 622 -18.29 -5.28 11.70
N VAL B 626 -21.24 -5.54 19.98
CA VAL B 626 -21.38 -6.94 19.66
C VAL B 626 -22.82 -7.29 19.30
N TRP B 627 -23.72 -7.17 20.29
CA TRP B 627 -25.11 -7.51 20.06
C TRP B 627 -25.74 -6.63 19.01
N PHE B 628 -25.41 -5.33 19.01
CA PHE B 628 -25.91 -4.44 17.97
C PHE B 628 -25.38 -4.85 16.61
N TRP B 629 -24.17 -5.45 16.58
CA TRP B 629 -23.65 -6.00 15.34
C TRP B 629 -24.33 -7.31 14.97
N VAL B 630 -24.86 -8.03 15.96
CA VAL B 630 -25.54 -9.29 15.67
C VAL B 630 -26.81 -9.06 14.86
N ILE B 631 -27.67 -8.15 15.33
CA ILE B 631 -28.86 -7.83 14.56
C ILE B 631 -28.50 -7.27 13.20
N PHE B 632 -27.28 -6.75 13.04
CA PHE B 632 -26.81 -6.33 11.72
C PHE B 632 -26.65 -7.51 10.79
N SER B 633 -26.03 -8.59 11.28
CA SER B 633 -25.86 -9.78 10.45
C SER B 633 -27.18 -10.53 10.31
N ALA B 634 -27.94 -10.66 11.39
CA ALA B 634 -29.20 -11.38 11.34
C ALA B 634 -30.19 -10.72 10.39
N ILE B 635 -30.12 -9.39 10.29
CA ILE B 635 -30.93 -8.69 9.29
C ILE B 635 -30.30 -8.78 7.91
N HIS B 636 -28.98 -8.92 7.85
CA HIS B 636 -28.30 -8.95 6.56
C HIS B 636 -28.51 -10.29 5.86
N VAL B 637 -28.32 -11.40 6.56
CA VAL B 637 -28.48 -12.71 5.94
C VAL B 637 -29.94 -12.96 5.54
N LEU B 638 -30.89 -12.42 6.31
CA LEU B 638 -32.29 -12.54 5.92
C LEU B 638 -32.59 -11.76 4.65
N ALA B 639 -32.11 -10.52 4.57
CA ALA B 639 -32.42 -9.69 3.41
C ALA B 639 -31.72 -10.20 2.15
N SER B 640 -30.68 -11.03 2.31
CA SER B 640 -30.01 -11.61 1.15
C SER B 640 -30.80 -12.76 0.57
N LEU B 641 -31.37 -13.62 1.42
CA LEU B 641 -32.22 -14.69 0.93
C LEU B 641 -33.42 -14.14 0.18
N ALA B 642 -34.06 -13.10 0.74
CA ALA B 642 -35.21 -12.49 0.07
C ALA B 642 -34.81 -11.95 -1.30
N LEU B 643 -33.63 -11.33 -1.40
CA LEU B 643 -33.18 -10.82 -2.69
C LEU B 643 -32.84 -11.95 -3.65
N SER B 644 -32.43 -13.10 -3.13
CA SER B 644 -32.12 -14.24 -4.00
C SER B 644 -33.38 -14.94 -4.47
N THR B 645 -34.36 -15.09 -3.58
CA THR B 645 -35.65 -15.65 -3.99
C THR B 645 -36.38 -14.71 -4.95
N GLN B 646 -36.39 -13.42 -4.63
CA GLN B 646 -37.00 -12.44 -5.54
C GLN B 646 -36.24 -12.38 -6.87
N ILE B 647 -34.98 -12.78 -6.87
CA ILE B 647 -34.21 -12.86 -8.11
C ILE B 647 -34.58 -14.11 -8.91
N TYR B 648 -34.74 -15.24 -8.22
CA TYR B 648 -34.97 -16.50 -8.91
C TYR B 648 -36.39 -16.59 -9.44
N TYR B 649 -37.35 -16.05 -8.69
CA TYR B 649 -38.74 -16.07 -9.15
C TYR B 649 -38.90 -15.34 -10.47
N MET B 650 -37.99 -14.43 -10.79
CA MET B 650 -38.01 -13.76 -12.09
C MET B 650 -37.23 -14.53 -13.15
N GLY B 651 -36.25 -15.34 -12.74
CA GLY B 651 -35.34 -16.00 -13.67
C GLY B 651 -35.78 -17.41 -14.05
N ARG B 652 -36.88 -17.90 -13.49
CA ARG B 652 -37.42 -19.21 -13.85
C ARG B 652 -38.53 -18.99 -14.87
N PHE B 653 -38.25 -19.35 -16.13
CA PHE B 653 -39.21 -19.11 -17.20
C PHE B 653 -40.54 -19.79 -16.93
N LYS B 654 -40.54 -20.87 -16.16
CA LYS B 654 -41.74 -21.58 -15.76
C LYS B 654 -41.92 -21.50 -14.24
N ILE B 655 -41.68 -20.32 -13.68
CA ILE B 655 -41.76 -20.15 -12.23
C ILE B 655 -43.14 -20.51 -11.69
N ASP B 656 -44.18 -19.91 -12.28
CA ASP B 656 -45.53 -20.17 -11.81
C ASP B 656 -46.09 -21.48 -12.34
N LEU B 657 -45.71 -21.85 -13.58
CA LEU B 657 -46.26 -23.06 -14.18
C LEU B 657 -45.81 -24.32 -13.45
N GLY B 658 -44.59 -24.31 -12.90
CA GLY B 658 -44.08 -25.49 -12.21
C GLY B 658 -44.87 -25.76 -10.93
N ILE B 659 -44.97 -24.77 -10.06
CA ILE B 659 -45.67 -24.92 -8.78
C ILE B 659 -47.18 -24.94 -8.93
N PHE B 660 -47.71 -24.95 -10.14
CA PHE B 660 -49.15 -24.96 -10.35
C PHE B 660 -49.72 -26.36 -10.20
N MET B 681 -45.00 -27.26 -0.88
CA MET B 681 -44.67 -26.11 -0.05
C MET B 681 -43.94 -26.54 1.22
N ASP B 682 -43.84 -27.87 1.43
CA ASP B 682 -43.09 -28.37 2.58
C ASP B 682 -41.61 -28.05 2.45
N ARG B 683 -41.09 -27.97 1.21
CA ARG B 683 -39.71 -27.59 1.01
C ARG B 683 -39.51 -26.10 1.24
N MET B 684 -40.56 -25.30 1.06
CA MET B 684 -40.45 -23.87 1.29
C MET B 684 -40.19 -23.56 2.76
N VAL B 685 -40.73 -24.37 3.66
CA VAL B 685 -40.41 -24.24 5.08
C VAL B 685 -39.02 -24.79 5.37
N LEU B 686 -38.63 -25.87 4.68
CA LEU B 686 -37.32 -26.45 4.90
C LEU B 686 -36.20 -25.52 4.43
N LEU B 687 -36.43 -24.81 3.33
CA LEU B 687 -35.45 -23.83 2.87
C LEU B 687 -35.36 -22.66 3.83
N VAL B 688 -36.48 -22.28 4.45
CA VAL B 688 -36.44 -21.23 5.47
C VAL B 688 -35.60 -21.67 6.65
N VAL B 689 -35.60 -22.97 6.96
CA VAL B 689 -34.73 -23.48 8.02
C VAL B 689 -33.27 -23.45 7.58
N GLY B 690 -33.01 -23.64 6.29
CA GLY B 690 -31.64 -23.50 5.78
C GLY B 690 -31.16 -22.06 5.90
N ASN B 691 -32.00 -21.10 5.51
CA ASN B 691 -31.62 -19.71 5.66
C ASN B 691 -31.61 -19.27 7.12
N LEU B 692 -32.55 -19.78 7.94
CA LEU B 692 -32.56 -19.43 9.35
C LEU B 692 -31.35 -19.99 10.07
N VAL B 693 -30.87 -21.15 9.66
CA VAL B 693 -29.60 -21.65 10.17
C VAL B 693 -28.43 -20.86 9.58
N ASN B 694 -28.61 -20.31 8.38
CA ASN B 694 -27.56 -19.51 7.76
C ASN B 694 -27.40 -18.19 8.49
N TRP B 695 -28.50 -17.53 8.82
CA TRP B 695 -28.43 -16.26 9.55
C TRP B 695 -28.15 -16.36 11.04
N SER B 696 -28.35 -17.54 11.63
CA SER B 696 -28.12 -17.70 13.07
C SER B 696 -26.72 -18.31 13.16
N PHE B 697 -26.01 -18.36 12.05
CA PHE B 697 -24.65 -18.85 12.12
C PHE B 697 -23.78 -17.69 11.73
N ALA B 698 -24.35 -16.52 11.64
CA ALA B 698 -23.52 -15.36 11.46
C ALA B 698 -23.68 -14.89 12.89
N LEU B 699 -23.50 -13.60 13.17
CA LEU B 699 -23.74 -13.03 14.52
C LEU B 699 -22.87 -13.53 15.67
N PHE B 700 -21.58 -13.75 15.46
CA PHE B 700 -20.75 -14.33 16.50
C PHE B 700 -19.56 -13.86 17.29
N GLY B 701 -18.45 -13.50 16.63
CA GLY B 701 -17.29 -12.91 17.32
C GLY B 701 -17.57 -11.65 16.56
N LEU B 702 -17.60 -11.75 15.24
CA LEU B 702 -18.02 -10.62 14.45
C LEU B 702 -19.20 -11.39 13.91
N ILE B 703 -18.90 -12.44 13.17
CA ILE B 703 -19.96 -13.21 12.59
C ILE B 703 -19.73 -14.72 12.49
N TYR B 704 -19.46 -15.41 13.62
CA TYR B 704 -19.13 -16.84 13.59
C TYR B 704 -18.20 -16.94 12.42
N ARG B 705 -17.07 -16.21 12.49
CA ARG B 705 -16.12 -16.11 11.38
C ARG B 705 -16.54 -15.44 10.06
N ARG B 707 -15.69 -12.99 8.40
CA ARG B 707 -14.60 -12.07 8.37
C ARG B 707 -14.95 -10.91 7.59
N ASP B 708 -15.59 -11.20 6.50
CA ASP B 708 -15.80 -10.17 5.50
C ASP B 708 -17.29 -10.15 5.17
N PHE B 709 -17.89 -8.97 5.21
CA PHE B 709 -19.35 -8.90 5.14
C PHE B 709 -19.86 -9.16 3.73
N ALA B 710 -19.33 -8.44 2.74
CA ALA B 710 -19.81 -8.60 1.38
C ALA B 710 -19.60 -10.02 0.88
N SER B 711 -18.46 -10.62 1.21
CA SER B 711 -18.17 -11.99 0.76
C SER B 711 -19.11 -12.98 1.43
N TYR B 712 -19.39 -12.78 2.72
CA TYR B 712 -20.30 -13.68 3.41
C TYR B 712 -21.71 -13.58 2.85
N MET B 713 -22.16 -12.36 2.58
CA MET B 713 -23.53 -12.21 2.07
C MET B 713 -23.62 -12.72 0.64
N LEU B 714 -22.53 -12.64 -0.13
CA LEU B 714 -22.53 -13.24 -1.46
C LEU B 714 -22.53 -14.77 -1.37
N GLY B 715 -21.82 -15.33 -0.40
CA GLY B 715 -21.90 -16.76 -0.18
C GLY B 715 -23.31 -17.21 0.16
N ILE B 716 -24.01 -16.43 0.98
CA ILE B 716 -25.41 -16.71 1.27
C ILE B 716 -26.25 -16.62 0.00
N PHE B 717 -25.98 -15.60 -0.82
CA PHE B 717 -26.64 -15.44 -2.11
C PHE B 717 -26.51 -16.70 -2.95
N ILE B 718 -25.29 -17.18 -3.15
CA ILE B 718 -25.07 -18.34 -4.00
C ILE B 718 -25.68 -19.58 -3.38
N CYS B 719 -25.59 -19.73 -2.06
CA CYS B 719 -26.20 -20.89 -1.41
C CYS B 719 -27.69 -20.93 -1.67
N ASN B 720 -28.37 -19.78 -1.50
CA ASN B 720 -29.82 -19.75 -1.73
C ASN B 720 -30.15 -19.95 -3.20
N LEU B 721 -29.33 -19.44 -4.12
CA LEU B 721 -29.60 -19.64 -5.53
C LEU B 721 -29.53 -21.12 -5.90
N LEU B 722 -28.48 -21.80 -5.47
CA LEU B 722 -28.36 -23.22 -5.76
C LEU B 722 -29.44 -24.02 -5.04
N LEU B 723 -29.85 -23.59 -3.86
CA LEU B 723 -30.90 -24.34 -3.19
C LEU B 723 -32.24 -24.14 -3.87
N TYR B 724 -32.48 -22.96 -4.44
CA TYR B 724 -33.67 -22.77 -5.27
C TYR B 724 -33.61 -23.64 -6.51
N LEU B 725 -32.43 -23.79 -7.10
CA LEU B 725 -32.28 -24.71 -8.22
C LEU B 725 -32.63 -26.13 -7.80
N ALA B 726 -32.21 -26.53 -6.60
CA ALA B 726 -32.56 -27.86 -6.10
C ALA B 726 -34.06 -28.01 -5.93
N PHE B 727 -34.71 -27.00 -5.34
CA PHE B 727 -36.15 -27.04 -5.17
C PHE B 727 -36.86 -27.12 -6.52
N TYR B 728 -36.33 -26.43 -7.53
CA TYR B 728 -36.92 -26.48 -8.85
C TYR B 728 -36.77 -27.85 -9.49
N ILE B 729 -35.62 -28.49 -9.30
CA ILE B 729 -35.46 -29.86 -9.79
C ILE B 729 -36.46 -30.78 -9.11
N ILE B 730 -36.65 -30.60 -7.81
CA ILE B 730 -37.59 -31.45 -7.08
C ILE B 730 -39.00 -31.24 -7.59
N MET B 731 -39.37 -29.98 -7.87
CA MET B 731 -40.71 -29.71 -8.37
C MET B 731 -40.90 -30.22 -9.79
N LYS B 732 -39.83 -30.22 -10.58
CA LYS B 732 -39.91 -30.84 -11.91
C LYS B 732 -40.12 -32.34 -11.79
N LEU B 733 -39.45 -32.98 -10.85
CA LEU B 733 -39.64 -34.41 -10.65
C LEU B 733 -40.98 -34.73 -10.00
N ARG B 734 -41.56 -33.77 -9.29
CA ARG B 734 -42.92 -33.94 -8.78
C ARG B 734 -43.90 -34.14 -9.91
N SER B 735 -43.67 -33.46 -11.03
CA SER B 735 -44.39 -33.75 -12.25
C SER B 735 -43.70 -34.89 -12.99
N SER B 736 -44.44 -35.53 -13.91
CA SER B 736 -43.89 -36.63 -14.70
C SER B 736 -43.16 -36.10 -15.93
N GLU B 737 -42.16 -35.27 -15.67
CA GLU B 737 -41.31 -34.71 -16.70
C GLU B 737 -39.94 -35.36 -16.63
N LYS B 738 -39.56 -36.06 -17.69
CA LYS B 738 -38.33 -36.83 -17.70
C LYS B 738 -37.14 -35.90 -17.81
N VAL B 739 -36.17 -36.06 -16.91
CA VAL B 739 -34.94 -35.30 -16.94
C VAL B 739 -33.98 -36.01 -17.88
N LEU B 740 -33.52 -35.31 -18.91
CA LEU B 740 -32.66 -35.92 -19.91
C LEU B 740 -31.35 -36.39 -19.29
N PRO B 741 -30.65 -37.33 -19.92
CA PRO B 741 -29.41 -37.84 -19.32
C PRO B 741 -28.33 -36.78 -19.13
N VAL B 742 -28.27 -35.76 -19.98
CA VAL B 742 -27.19 -34.78 -19.85
C VAL B 742 -27.40 -33.91 -18.61
N PRO B 743 -28.56 -33.30 -18.38
CA PRO B 743 -28.76 -32.64 -17.08
C PRO B 743 -28.71 -33.61 -15.92
N LEU B 744 -28.95 -34.90 -16.14
CA LEU B 744 -28.78 -35.88 -15.07
C LEU B 744 -27.34 -35.95 -14.62
N PHE B 745 -26.43 -36.19 -15.57
CA PHE B 745 -25.01 -36.20 -15.23
C PHE B 745 -24.60 -34.87 -14.64
N CYS B 746 -25.14 -33.77 -15.15
CA CYS B 746 -24.72 -32.46 -14.67
C CYS B 746 -25.15 -32.22 -13.23
N ILE B 747 -26.35 -32.66 -12.84
CA ILE B 747 -26.78 -32.43 -11.45
C ILE B 747 -26.03 -33.37 -10.50
N VAL B 748 -25.82 -34.62 -10.91
CA VAL B 748 -25.00 -35.51 -10.07
C VAL B 748 -23.63 -34.89 -9.86
N ALA B 749 -22.99 -34.44 -10.94
CA ALA B 749 -21.66 -33.88 -10.85
C ALA B 749 -21.65 -32.58 -10.06
N THR B 750 -22.70 -31.78 -10.18
CA THR B 750 -22.78 -30.55 -9.39
C THR B 750 -22.77 -30.87 -7.91
N ALA B 751 -23.60 -31.82 -7.48
CA ALA B 751 -23.62 -32.15 -6.06
C ALA B 751 -22.26 -32.67 -5.61
N VAL B 752 -21.69 -33.61 -6.35
CA VAL B 752 -20.42 -34.21 -5.95
C VAL B 752 -19.32 -33.14 -5.88
N MET B 753 -19.17 -32.37 -6.96
CA MET B 753 -18.12 -31.37 -7.02
C MET B 753 -18.31 -30.29 -5.98
N TRP B 754 -19.55 -29.94 -5.64
CA TRP B 754 -19.73 -28.91 -4.64
C TRP B 754 -19.40 -29.41 -3.25
N ALA B 755 -19.66 -30.70 -2.97
CA ALA B 755 -19.20 -31.24 -1.70
C ALA B 755 -17.67 -31.24 -1.62
N ALA B 756 -17.02 -31.75 -2.68
CA ALA B 756 -15.57 -31.85 -2.68
C ALA B 756 -14.91 -30.48 -2.70
N ALA B 757 -15.64 -29.46 -3.15
CA ALA B 757 -15.06 -28.11 -3.15
C ALA B 757 -15.30 -27.43 -1.81
N LEU B 758 -16.45 -27.65 -1.18
CA LEU B 758 -16.69 -27.02 0.12
C LEU B 758 -15.73 -27.56 1.16
N TYR B 759 -15.35 -28.84 1.06
CA TYR B 759 -14.36 -29.34 1.99
C TYR B 759 -13.14 -28.45 2.02
N PHE B 760 -12.60 -28.11 0.84
CA PHE B 760 -11.41 -27.28 0.76
C PHE B 760 -11.71 -25.81 0.91
N PHE B 761 -12.97 -25.39 0.78
CA PHE B 761 -13.32 -24.03 1.13
C PHE B 761 -13.15 -23.77 2.61
N PHE B 762 -13.21 -24.80 3.43
CA PHE B 762 -13.17 -24.65 4.88
C PHE B 762 -11.79 -24.95 5.45
N GLN B 763 -10.73 -24.54 4.76
CA GLN B 763 -9.36 -24.74 5.21
C GLN B 763 -8.76 -23.50 5.86
N ASN B 764 -8.81 -22.35 5.19
CA ASN B 764 -8.37 -21.09 5.78
C ASN B 764 -6.88 -21.15 6.16
N LEU B 765 -6.04 -21.22 5.13
CA LEU B 765 -4.60 -21.22 5.30
C LEU B 765 -4.02 -19.84 5.60
N SER B 766 -4.78 -18.78 5.47
CA SER B 766 -4.31 -17.45 5.80
C SER B 766 -5.52 -16.57 6.03
N SER B 767 -5.27 -15.36 6.54
CA SER B 767 -6.36 -14.45 6.85
C SER B 767 -5.81 -13.05 7.01
N TRP B 768 -6.32 -12.10 6.23
CA TRP B 768 -5.99 -10.70 6.44
C TRP B 768 -6.78 -10.10 7.58
N GLU B 769 -7.51 -10.86 8.31
CA GLU B 769 -8.29 -10.40 9.34
C GLU B 769 -7.45 -10.10 10.49
N GLY B 770 -6.25 -10.63 10.57
CA GLY B 770 -5.36 -10.41 11.69
C GLY B 770 -4.06 -9.76 11.28
N THR B 771 -3.10 -9.73 12.20
CA THR B 771 -1.79 -9.23 11.87
C THR B 771 -1.08 -10.24 10.97
N PRO B 772 -0.07 -9.81 10.21
CA PRO B 772 0.61 -10.76 9.33
C PRO B 772 1.17 -11.98 10.03
N ALA B 773 1.71 -11.79 11.24
CA ALA B 773 2.29 -12.90 11.97
C ALA B 773 1.27 -13.94 12.39
N GLU B 774 0.01 -13.57 12.52
CA GLU B 774 -1.05 -14.50 12.90
C GLU B 774 -1.63 -15.21 11.69
N SER B 775 -1.76 -14.51 10.57
CA SER B 775 -1.99 -15.18 9.30
C SER B 775 -0.96 -16.25 9.06
N ARG B 776 0.31 -15.89 9.19
CA ARG B 776 1.43 -16.75 8.82
C ARG B 776 1.49 -18.02 9.63
N GLU B 777 0.75 -18.14 10.71
CA GLU B 777 0.81 -19.32 11.56
C GLU B 777 -0.26 -20.34 11.22
N LYS B 778 -1.03 -20.10 10.16
CA LYS B 778 -2.02 -21.06 9.72
C LYS B 778 -1.66 -21.77 8.44
N ASN B 779 -0.72 -21.25 7.66
CA ASN B 779 -0.46 -21.84 6.36
C ASN B 779 0.33 -23.12 6.50
N ARG B 780 -0.08 -24.13 5.74
CA ARG B 780 0.55 -25.43 5.74
C ARG B 780 1.07 -25.73 4.34
N GLU B 781 1.61 -26.93 4.20
CA GLU B 781 2.39 -27.30 3.02
C GLU B 781 1.50 -27.63 1.83
N CYS B 782 2.15 -28.05 0.76
CA CYS B 782 1.49 -28.30 -0.52
C CYS B 782 0.98 -29.73 -0.54
N ILE B 783 -0.29 -29.91 -0.90
CA ILE B 783 -0.87 -31.24 -0.84
C ILE B 783 -0.82 -31.97 -2.17
N LEU B 784 -0.88 -31.25 -3.29
CA LEU B 784 -0.98 -31.87 -4.60
C LEU B 784 0.25 -31.51 -5.43
N LEU B 785 0.97 -32.54 -5.87
CA LEU B 785 2.04 -32.40 -6.85
C LEU B 785 3.16 -31.49 -6.37
N ASP B 786 3.31 -31.38 -5.06
CA ASP B 786 4.32 -30.51 -4.45
C ASP B 786 4.13 -29.05 -4.82
N PHE B 787 2.95 -28.67 -5.29
CA PHE B 787 2.77 -27.34 -5.86
C PHE B 787 1.49 -26.63 -5.43
N PHE B 788 0.45 -27.33 -5.02
CA PHE B 788 -0.83 -26.72 -4.75
C PHE B 788 -1.23 -26.95 -3.30
N ASP B 789 -1.63 -25.89 -2.62
CA ASP B 789 -2.08 -26.03 -1.25
C ASP B 789 -3.59 -26.26 -1.27
N ASP B 790 -4.22 -26.19 -0.10
CA ASP B 790 -5.65 -26.48 -0.03
C ASP B 790 -6.48 -25.42 -0.73
N HIS B 791 -6.03 -24.17 -0.73
CA HIS B 791 -6.82 -23.13 -1.37
C HIS B 791 -6.77 -23.24 -2.88
N ASP B 792 -5.73 -23.85 -3.42
CA ASP B 792 -5.66 -24.05 -4.87
C ASP B 792 -6.55 -25.19 -5.33
N ILE B 793 -6.78 -26.19 -4.49
CA ILE B 793 -7.74 -27.22 -4.82
C ILE B 793 -9.16 -26.70 -4.63
N TRP B 794 -9.32 -25.54 -4.01
CA TRP B 794 -10.63 -24.89 -4.00
C TRP B 794 -10.85 -24.06 -5.25
N HIS B 795 -9.81 -23.41 -5.77
CA HIS B 795 -9.96 -22.68 -7.01
C HIS B 795 -10.17 -23.60 -8.20
N PHE B 796 -9.81 -24.87 -8.07
CA PHE B 796 -10.08 -25.81 -9.14
C PHE B 796 -11.48 -26.37 -9.03
N LEU B 797 -11.85 -26.80 -7.83
CA LEU B 797 -13.12 -27.49 -7.63
C LEU B 797 -14.29 -26.54 -7.53
N SER B 798 -14.08 -25.25 -7.29
CA SER B 798 -15.20 -24.33 -7.38
C SER B 798 -15.43 -23.88 -8.82
N ALA B 799 -14.36 -23.68 -9.59
CA ALA B 799 -14.52 -23.40 -11.00
C ALA B 799 -15.03 -24.60 -11.77
N THR B 800 -14.87 -25.81 -11.25
CA THR B 800 -15.51 -26.99 -11.83
C THR B 800 -16.91 -27.20 -11.31
N ALA B 801 -17.18 -26.90 -10.05
CA ALA B 801 -18.52 -27.09 -9.54
C ALA B 801 -19.46 -25.98 -9.93
N LEU B 802 -18.96 -24.76 -10.13
CA LEU B 802 -19.79 -23.65 -10.53
C LEU B 802 -20.13 -23.70 -12.01
N PHE B 803 -19.33 -24.41 -12.80
CA PHE B 803 -19.63 -24.58 -14.22
C PHE B 803 -20.68 -25.66 -14.43
N PHE B 804 -20.60 -26.73 -13.65
CA PHE B 804 -21.62 -27.77 -13.74
C PHE B 804 -22.97 -27.28 -13.25
N SER B 805 -23.02 -26.37 -12.29
CA SER B 805 -24.29 -25.79 -11.89
C SER B 805 -24.87 -24.84 -12.92
N PHE B 806 -24.03 -23.98 -13.51
CA PHE B 806 -24.49 -23.19 -14.67
C PHE B 806 -25.04 -24.10 -15.75
N LEU B 807 -24.36 -25.22 -16.00
CA LEU B 807 -24.80 -26.12 -17.05
C LEU B 807 -26.11 -26.80 -16.70
N VAL B 808 -26.30 -27.18 -15.43
CA VAL B 808 -27.58 -27.71 -15.00
C VAL B 808 -28.68 -26.71 -15.28
N LEU B 809 -28.48 -25.47 -14.84
CA LEU B 809 -29.52 -24.47 -14.98
C LEU B 809 -29.82 -24.18 -16.45
N LEU B 810 -28.80 -24.22 -17.29
CA LEU B 810 -29.04 -24.00 -18.72
C LEU B 810 -29.81 -25.15 -19.34
N THR B 811 -29.23 -26.36 -19.31
CA THR B 811 -29.77 -27.48 -20.05
C THR B 811 -30.79 -28.28 -19.26
N LEU B 812 -31.44 -27.67 -18.27
CA LEU B 812 -32.38 -28.41 -17.45
C LEU B 812 -33.65 -28.74 -18.25
N ASP B 813 -34.32 -27.71 -18.74
CA ASP B 813 -35.65 -27.87 -19.31
C ASP B 813 -35.61 -28.28 -20.78
N ASP B 814 -34.93 -29.38 -21.08
CA ASP B 814 -34.99 -29.92 -22.43
C ASP B 814 -36.29 -30.68 -22.68
N ASP B 815 -36.87 -31.24 -21.64
CA ASP B 815 -38.13 -31.98 -21.75
C ASP B 815 -39.31 -31.08 -22.12
N LEU B 816 -39.11 -29.77 -22.21
CA LEU B 816 -40.14 -28.87 -22.70
C LEU B 816 -39.99 -28.54 -24.18
N ASP B 817 -38.88 -28.94 -24.82
CA ASP B 817 -38.73 -28.68 -26.24
C ASP B 817 -39.79 -29.40 -27.08
N VAL B 818 -40.55 -30.30 -26.46
CA VAL B 818 -41.64 -31.00 -27.14
C VAL B 818 -43.00 -30.58 -26.61
N VAL B 819 -43.05 -29.77 -25.55
CA VAL B 819 -44.30 -29.52 -24.83
C VAL B 819 -44.62 -28.04 -24.99
N ARG B 820 -44.24 -27.48 -26.13
CA ARG B 820 -44.48 -26.05 -26.39
C ARG B 820 -45.95 -25.74 -26.63
ZN ZN C . -7.23 16.69 -8.10
O1 PX2 D . -6.86 15.94 -13.07
O2 PX2 D . -8.15 14.25 -11.58
P1 PX2 D . -8.16 15.44 -12.69
O3 PX2 D . -8.85 16.61 -12.21
O4 PX2 D . -8.97 14.91 -14.01
C1 PX2 D . -9.94 15.77 -14.50
C2 PX2 D . -10.50 15.28 -15.84
C3 PX2 D . -11.85 14.67 -15.55
O5 PX2 D . -12.75 15.18 -16.46
C4 PX2 D . -14.02 14.66 -16.28
O6 PX2 D . -14.51 14.68 -15.24
C5 PX2 D . -14.81 14.07 -17.41
C6 PX2 D . -16.31 14.24 -17.20
C7 PX2 D . -16.93 14.36 -18.58
C8 PX2 D . -17.72 13.11 -18.92
C9 PX2 D . -16.83 12.08 -19.64
C10 PX2 D . -17.59 10.77 -19.73
C11 PX2 D . -19.08 11.07 -19.73
C12 PX2 D . -19.73 10.37 -20.92
C13 PX2 D . -20.90 11.20 -21.36
C14 PX2 D . -20.46 11.99 -22.58
C15 PX2 D . -19.75 11.06 -23.54
O7 PX2 D . -10.72 16.36 -16.69
C16 PX2 D . -9.68 16.61 -17.57
O8 PX2 D . -8.72 15.94 -17.54
C17 PX2 D . -9.75 17.77 -18.52
C18 PX2 D . -8.32 18.11 -18.86
C19 PX2 D . -8.39 19.13 -19.97
C20 PX2 D . -9.86 19.30 -20.26
C21 PX2 D . -10.15 20.76 -20.57
C22 PX2 D . -9.82 21.04 -22.01
C23 PX2 D . -11.00 21.81 -22.59
C24 PX2 D . -10.67 23.30 -22.55
C25 PX2 D . -11.26 23.99 -23.76
C26 PX2 D . -11.08 23.11 -24.99
C27 PX2 D . -9.81 23.51 -25.73
ZN ZN E . -8.51 -17.65 -3.55
O1 PX2 F . -13.21 -17.13 -1.75
O2 PX2 F . -12.17 -15.57 -3.52
P1 PX2 F . -13.26 -16.74 -3.15
O3 PX2 F . -12.91 -18.00 -3.80
O4 PX2 F . -14.79 -16.34 -3.57
C1 PX2 F . -15.47 -17.32 -4.30
C2 PX2 F . -16.94 -16.93 -4.48
C3 PX2 F . -17.13 -16.39 -5.87
O5 PX2 F . -18.21 -17.07 -6.46
C4 PX2 F . -18.39 -16.72 -7.79
O6 PX2 F . -17.46 -16.47 -8.45
C5 PX2 F . -19.77 -16.65 -8.40
C6 PX2 F . -19.62 -16.19 -9.84
C7 PX2 F . -20.94 -16.40 -10.59
C8 PX2 F . -22.12 -16.36 -9.62
C9 PX2 F . -23.17 -15.38 -10.14
C10 PX2 F . -22.58 -13.97 -10.19
C11 PX2 F . -23.17 -13.24 -11.40
C12 PX2 F . -24.70 -13.33 -11.33
C13 PX2 F . -25.25 -13.82 -12.67
C14 PX2 F . -26.37 -14.82 -12.39
C15 PX2 F . -27.42 -14.16 -11.50
O7 PX2 F . -17.71 -18.09 -4.37
C16 PX2 F . -18.26 -18.30 -3.11
O8 PX2 F . -17.98 -17.59 -2.20
C17 PX2 F . -19.23 -19.45 -2.91
C18 PX2 F . -19.22 -19.84 -1.44
C19 PX2 F . -19.85 -21.22 -1.31
C20 PX2 F . -21.15 -21.25 -2.09
C21 PX2 F . -21.34 -22.62 -2.72
C22 PX2 F . -22.04 -23.53 -1.71
C23 PX2 F . -23.11 -24.34 -2.44
C24 PX2 F . -23.14 -25.74 -1.86
C25 PX2 F . -24.46 -26.42 -2.22
C26 PX2 F . -25.60 -25.71 -1.50
C27 PX2 F . -25.33 -25.71 0.00
#